data_3TWT
#
_entry.id   3TWT
#
_cell.length_a   62.413
_cell.length_b   104.943
_cell.length_c   127.907
_cell.angle_alpha   90.00
_cell.angle_beta   90.00
_cell.angle_gamma   90.00
#
_symmetry.space_group_name_H-M   'P 21 21 21'
#
loop_
_entity.id
_entity.type
_entity.pdbx_description
1 polymer Tankyrase-2
2 polymer 'human MCL1'
3 non-polymer 'NONAETHYLENE GLYCOL'
4 non-polymer 1,2-ETHANEDIOL
5 non-polymer 'SULFATE ION'
6 non-polymer 3,6,9,12,15,18,21-HEPTAOXATRICOSANE-1,23-DIOL
7 water water
#
loop_
_entity_poly.entity_id
_entity_poly.type
_entity_poly.pdbx_seq_one_letter_code
_entity_poly.pdbx_strand_id
1 'polypeptide(L)'
;GAMGNSEADRQLLEAAKAGDVETVKKLCTVQSVNCRDIEGRQSTPLHFAAGYNRVSVVEYLLQHGADVHAKDKGGLVPLH
NACSYGHYEVAELLVKHGAVVNVADLWKFTPLHEAAAKGKYEICKLLLQHGADPTKKNRDGNTPLDLVKDGDTDIQDLLR
GDAAL
;
A,B,C,D
2 'polypeptide(L)' LPHLQRPPPIGQSFR(SET) E,F,G,H
#
# COMPACT_ATOMS: atom_id res chain seq x y z
N ASN A 5 -12.75 -6.42 -15.84
CA ASN A 5 -11.36 -6.57 -16.26
C ASN A 5 -11.15 -7.81 -17.13
N SER A 6 -10.28 -7.67 -18.11
CA SER A 6 -9.83 -8.82 -18.89
C SER A 6 -9.13 -9.78 -17.92
N GLU A 7 -9.01 -11.02 -18.33
CA GLU A 7 -8.32 -12.01 -17.51
C GLU A 7 -6.86 -11.63 -17.28
N ALA A 8 -6.24 -11.03 -18.28
CA ALA A 8 -4.83 -10.65 -18.21
C ALA A 8 -4.58 -9.57 -17.17
N ASP A 9 -5.43 -8.54 -17.17
CA ASP A 9 -5.31 -7.50 -16.17
C ASP A 9 -5.55 -8.04 -14.76
N ARG A 10 -6.54 -8.93 -14.62
CA ARG A 10 -6.80 -9.56 -13.33
C ARG A 10 -5.56 -10.30 -12.82
N GLN A 11 -4.93 -11.07 -13.70
CA GLN A 11 -3.72 -11.80 -13.32
C GLN A 11 -2.58 -10.83 -12.99
N LEU A 12 -2.51 -9.71 -13.69
CA LEU A 12 -1.49 -8.71 -13.42
C LEU A 12 -1.68 -8.12 -12.01
N LEU A 13 -2.93 -7.78 -11.70
CA LEU A 13 -3.22 -7.17 -10.40
C LEU A 13 -2.91 -8.15 -9.27
N GLU A 14 -3.32 -9.42 -9.44
CA GLU A 14 -3.02 -10.44 -8.43
C GLU A 14 -1.52 -10.65 -8.26
N ALA A 15 -0.79 -10.64 -9.38
CA ALA A 15 0.66 -10.80 -9.32
C ALA A 15 1.33 -9.61 -8.63
N ALA A 16 0.81 -8.42 -8.86
CA ALA A 16 1.35 -7.24 -8.17
C ALA A 16 1.11 -7.36 -6.68
N LYS A 17 -0.07 -7.86 -6.31
CA LYS A 17 -0.44 -8.04 -4.90
C LYS A 17 0.44 -9.10 -4.22
N ALA A 18 0.72 -10.18 -4.95
CA ALA A 18 1.49 -11.30 -4.41
C ALA A 18 2.99 -11.06 -4.47
N GLY A 19 3.41 -10.05 -5.23
CA GLY A 19 4.83 -9.82 -5.48
C GLY A 19 5.42 -10.88 -6.40
N ASP A 20 4.60 -11.35 -7.35
CA ASP A 20 5.06 -12.32 -8.34
C ASP A 20 5.71 -11.56 -9.49
N VAL A 21 7.00 -11.25 -9.31
CA VAL A 21 7.77 -10.46 -10.27
C VAL A 21 7.71 -11.00 -11.70
N GLU A 22 7.93 -12.31 -11.85
CA GLU A 22 8.01 -12.89 -13.19
C GLU A 22 6.69 -12.74 -13.93
N THR A 23 5.57 -12.93 -13.22
CA THR A 23 4.26 -12.80 -13.86
C THR A 23 3.98 -11.34 -14.20
N VAL A 24 4.38 -10.42 -13.31
CA VAL A 24 4.29 -8.99 -13.61
C VAL A 24 5.05 -8.66 -14.91
N LYS A 25 6.27 -9.16 -15.02
CA LYS A 25 7.08 -8.93 -16.20
C LYS A 25 6.43 -9.48 -17.47
N LYS A 26 5.80 -10.65 -17.36
CA LYS A 26 5.13 -11.26 -18.52
C LYS A 26 3.93 -10.45 -18.99
N LEU A 27 3.17 -9.88 -18.06
CA LEU A 27 1.89 -9.27 -18.37
C LEU A 27 1.89 -7.74 -18.48
N CYS A 28 2.94 -7.11 -17.97
CA CYS A 28 3.01 -5.65 -17.95
C CYS A 28 3.31 -5.11 -19.35
N THR A 29 2.31 -4.44 -19.93
CA THR A 29 2.45 -3.81 -21.24
C THR A 29 2.17 -2.32 -21.07
N VAL A 30 2.38 -1.53 -22.12
CA VAL A 30 2.01 -0.13 -22.07
C VAL A 30 0.52 0.06 -21.79
N GLN A 31 -0.29 -0.92 -22.19
CA GLN A 31 -1.74 -0.85 -22.01
C GLN A 31 -2.20 -1.27 -20.61
N SER A 32 -1.40 -2.08 -19.92
CA SER A 32 -1.85 -2.71 -18.68
C SER A 32 -1.16 -2.19 -17.41
N VAL A 33 -0.05 -1.46 -17.58
CA VAL A 33 0.76 -1.07 -16.42
C VAL A 33 -0.04 -0.16 -15.47
N ASN A 34 -0.99 0.58 -16.01
CA ASN A 34 -1.91 1.42 -15.23
C ASN A 34 -3.37 0.96 -15.30
N CYS A 35 -3.59 -0.34 -15.45
CA CYS A 35 -4.94 -0.89 -15.44
C CYS A 35 -5.56 -0.74 -14.05
N ARG A 36 -6.88 -0.87 -13.98
CA ARG A 36 -7.59 -0.63 -12.72
C ARG A 36 -8.51 -1.79 -12.35
N ASP A 37 -8.55 -2.07 -11.05
CA ASP A 37 -9.29 -3.18 -10.51
C ASP A 37 -10.77 -2.81 -10.47
N ILE A 38 -11.44 -2.97 -11.60
CA ILE A 38 -12.83 -2.57 -11.80
C ILE A 38 -13.80 -3.29 -10.87
N GLU A 39 -13.50 -4.55 -10.55
CA GLU A 39 -14.35 -5.31 -9.66
C GLU A 39 -14.25 -4.78 -8.22
N GLY A 40 -13.18 -4.06 -7.95
CA GLY A 40 -12.96 -3.51 -6.62
C GLY A 40 -12.96 -2.00 -6.59
N ARG A 41 -11.93 -1.42 -5.98
CA ARG A 41 -11.83 0.03 -5.81
C ARG A 41 -11.06 0.72 -6.93
N GLN A 42 -10.89 0.04 -8.06
CA GLN A 42 -10.10 0.56 -9.19
C GLN A 42 -8.64 0.83 -8.82
N SER A 43 -8.10 0.00 -7.92
CA SER A 43 -6.66 0.06 -7.62
C SER A 43 -5.85 -0.35 -8.85
N THR A 44 -4.70 0.30 -9.03
CA THR A 44 -3.76 -0.05 -10.08
C THR A 44 -2.77 -1.10 -9.57
N PRO A 45 -1.97 -1.70 -10.48
CA PRO A 45 -0.94 -2.61 -9.96
C PRO A 45 -0.02 -1.94 -8.95
N LEU A 46 0.28 -0.65 -9.14
CA LEU A 46 1.18 0.04 -8.22
C LEU A 46 0.53 0.25 -6.84
N HIS A 47 -0.78 0.47 -6.80
CA HIS A 47 -1.51 0.51 -5.53
C HIS A 47 -1.31 -0.81 -4.76
N PHE A 48 -1.47 -1.93 -5.46
CA PHE A 48 -1.33 -3.23 -4.81
C PHE A 48 0.10 -3.46 -4.33
N ALA A 49 1.07 -3.25 -5.23
CA ALA A 49 2.46 -3.50 -4.90
C ALA A 49 2.90 -2.62 -3.72
N ALA A 50 2.42 -1.39 -3.69
CA ALA A 50 2.79 -0.44 -2.64
C ALA A 50 2.21 -0.85 -1.29
N GLY A 51 0.93 -1.25 -1.30
CA GLY A 51 0.25 -1.58 -0.06
C GLY A 51 0.77 -2.85 0.56
N TYR A 52 1.17 -3.80 -0.28
CA TYR A 52 1.61 -5.11 0.16
C TYR A 52 3.14 -5.24 0.21
N ASN A 53 3.81 -4.11 0.10
CA ASN A 53 5.27 -4.01 0.28
C ASN A 53 6.07 -4.89 -0.70
N ARG A 54 5.66 -4.87 -1.96
CA ARG A 54 6.30 -5.70 -2.97
C ARG A 54 7.32 -4.84 -3.70
N VAL A 55 8.49 -4.70 -3.09
CA VAL A 55 9.44 -3.68 -3.52
C VAL A 55 9.95 -3.88 -4.96
N SER A 56 10.31 -5.11 -5.30
N SER A 56 10.32 -5.10 -5.33
CA SER A 56 10.79 -5.41 -6.65
CA SER A 56 10.81 -5.30 -6.69
C SER A 56 9.73 -5.05 -7.69
C SER A 56 9.73 -5.04 -7.72
N VAL A 57 8.48 -5.33 -7.37
CA VAL A 57 7.35 -5.03 -8.27
C VAL A 57 7.10 -3.52 -8.38
N VAL A 58 7.15 -2.82 -7.25
CA VAL A 58 7.07 -1.35 -7.26
C VAL A 58 8.13 -0.74 -8.18
N GLU A 59 9.37 -1.18 -8.03
CA GLU A 59 10.44 -0.61 -8.85
C GLU A 59 10.19 -0.91 -10.34
N TYR A 60 9.79 -2.15 -10.63
CA TYR A 60 9.55 -2.56 -12.02
C TYR A 60 8.42 -1.76 -12.66
N LEU A 61 7.33 -1.62 -11.93
CA LEU A 61 6.17 -0.88 -12.43
C LEU A 61 6.51 0.58 -12.67
N LEU A 62 7.21 1.21 -11.72
CA LEU A 62 7.63 2.59 -11.92
C LEU A 62 8.54 2.75 -13.16
N GLN A 63 9.53 1.86 -13.29
CA GLN A 63 10.41 1.91 -14.46
C GLN A 63 9.59 1.80 -15.75
N HIS A 64 8.51 1.04 -15.70
CA HIS A 64 7.73 0.78 -16.92
C HIS A 64 6.50 1.67 -17.12
N GLY A 65 6.43 2.76 -16.38
CA GLY A 65 5.49 3.81 -16.68
C GLY A 65 4.26 3.85 -15.79
N ALA A 66 4.30 3.17 -14.65
CA ALA A 66 3.16 3.26 -13.71
C ALA A 66 3.04 4.69 -13.17
N ASP A 67 1.80 5.14 -12.99
CA ASP A 67 1.52 6.52 -12.59
C ASP A 67 1.53 6.64 -11.07
N VAL A 68 2.55 7.28 -10.50
CA VAL A 68 2.59 7.47 -9.05
C VAL A 68 1.44 8.29 -8.54
N HIS A 69 0.84 9.11 -9.42
CA HIS A 69 -0.22 10.01 -8.99
C HIS A 69 -1.63 9.44 -9.15
N ALA A 70 -1.75 8.22 -9.67
CA ALA A 70 -3.06 7.66 -9.98
C ALA A 70 -3.91 7.46 -8.74
N LYS A 71 -5.12 8.00 -8.76
CA LYS A 71 -6.03 7.87 -7.65
C LYS A 71 -7.00 6.72 -7.87
N ASP A 72 -7.28 5.95 -6.81
CA ASP A 72 -8.32 4.93 -6.92
C ASP A 72 -9.70 5.59 -6.73
N LYS A 73 -10.72 4.77 -6.55
CA LYS A 73 -12.10 5.23 -6.43
C LYS A 73 -12.32 6.07 -5.16
N GLY A 74 -11.51 5.84 -4.13
CA GLY A 74 -11.55 6.66 -2.93
C GLY A 74 -10.64 7.87 -2.95
N GLY A 75 -9.92 8.08 -4.05
CA GLY A 75 -8.97 9.17 -4.15
C GLY A 75 -7.62 8.88 -3.50
N LEU A 76 -7.36 7.61 -3.20
CA LEU A 76 -6.08 7.25 -2.58
C LEU A 76 -5.08 7.01 -3.68
N VAL A 77 -3.84 7.40 -3.40
CA VAL A 77 -2.72 7.14 -4.29
C VAL A 77 -1.85 6.08 -3.63
N PRO A 78 -0.92 5.50 -4.40
CA PRO A 78 -0.10 4.41 -3.82
C PRO A 78 0.64 4.84 -2.56
N LEU A 79 1.05 6.11 -2.48
CA LEU A 79 1.73 6.59 -1.27
C LEU A 79 0.85 6.46 0.00
N HIS A 80 -0.46 6.64 -0.13
CA HIS A 80 -1.36 6.45 1.02
C HIS A 80 -1.20 5.04 1.51
N ASN A 81 -1.24 4.08 0.58
CA ASN A 81 -1.13 2.68 0.93
C ASN A 81 0.19 2.33 1.62
N ALA A 82 1.29 2.87 1.09
CA ALA A 82 2.61 2.58 1.64
C ALA A 82 2.70 3.15 3.05
N CYS A 83 2.15 4.34 3.25
CA CYS A 83 2.32 5.00 4.53
C CYS A 83 1.43 4.37 5.60
N SER A 84 0.22 3.98 5.20
CA SER A 84 -0.72 3.36 6.13
C SER A 84 -0.13 2.09 6.74
N TYR A 85 0.68 1.38 5.95
CA TYR A 85 1.20 0.08 6.38
C TYR A 85 2.70 0.09 6.70
N GLY A 86 3.29 1.28 6.84
CA GLY A 86 4.65 1.41 7.36
C GLY A 86 5.74 0.91 6.41
N HIS A 87 5.47 0.91 5.12
CA HIS A 87 6.46 0.45 4.14
C HIS A 87 7.36 1.62 3.76
N TYR A 88 8.42 1.80 4.55
CA TYR A 88 9.29 2.96 4.40
C TYR A 88 10.00 2.98 3.04
N GLU A 89 10.57 1.87 2.62
CA GLU A 89 11.33 1.85 1.36
C GLU A 89 10.40 2.20 0.21
N VAL A 90 9.22 1.58 0.20
CA VAL A 90 8.23 1.90 -0.83
C VAL A 90 7.89 3.39 -0.83
N ALA A 91 7.62 3.95 0.35
CA ALA A 91 7.30 5.37 0.47
C ALA A 91 8.44 6.21 -0.13
N GLU A 92 9.69 5.88 0.19
CA GLU A 92 10.82 6.64 -0.31
C GLU A 92 10.91 6.54 -1.84
N LEU A 93 10.71 5.34 -2.38
CA LEU A 93 10.69 5.14 -3.83
C LEU A 93 9.63 5.99 -4.49
N LEU A 94 8.41 6.00 -3.95
CA LEU A 94 7.35 6.80 -4.54
C LEU A 94 7.70 8.29 -4.50
N VAL A 95 8.15 8.75 -3.35
CA VAL A 95 8.51 10.16 -3.16
C VAL A 95 9.66 10.56 -4.09
N LYS A 96 10.66 9.69 -4.22
CA LYS A 96 11.80 10.00 -5.09
C LYS A 96 11.32 10.12 -6.54
N HIS A 97 10.30 9.33 -6.90
CA HIS A 97 9.71 9.43 -8.25
C HIS A 97 8.66 10.54 -8.40
N GLY A 98 8.61 11.48 -7.46
CA GLY A 98 7.78 12.66 -7.63
C GLY A 98 6.40 12.62 -7.01
N ALA A 99 6.11 11.60 -6.23
CA ALA A 99 4.80 11.52 -5.57
C ALA A 99 4.50 12.77 -4.75
N VAL A 100 3.27 13.26 -4.83
CA VAL A 100 2.87 14.44 -4.08
C VAL A 100 2.64 14.05 -2.63
N VAL A 101 3.35 14.67 -1.69
CA VAL A 101 3.25 14.21 -0.32
C VAL A 101 2.00 14.75 0.39
N ASN A 102 1.51 15.92 -0.03
CA ASN A 102 0.30 16.50 0.56
C ASN A 102 -0.98 16.11 -0.18
N VAL A 103 -0.95 14.99 -0.90
CA VAL A 103 -2.09 14.55 -1.69
C VAL A 103 -3.22 14.16 -0.74
N ALA A 104 -4.45 14.50 -1.10
CA ALA A 104 -5.59 14.24 -0.22
C ALA A 104 -6.61 13.36 -0.93
N ASP A 105 -7.12 12.34 -0.23
CA ASP A 105 -8.17 11.49 -0.79
C ASP A 105 -9.56 12.16 -0.68
N LEU A 106 -10.63 11.40 -0.93
CA LEU A 106 -11.98 11.97 -0.91
C LEU A 106 -12.39 12.46 0.47
N TRP A 107 -11.75 11.88 1.50
CA TRP A 107 -12.03 12.26 2.88
C TRP A 107 -11.01 13.28 3.38
N LYS A 108 -10.18 13.76 2.46
CA LYS A 108 -9.12 14.70 2.78
C LYS A 108 -8.07 14.12 3.74
N PHE A 109 -7.91 12.80 3.73
CA PHE A 109 -6.78 12.19 4.43
C PHE A 109 -5.55 12.29 3.54
N THR A 110 -4.41 12.65 4.13
CA THR A 110 -3.13 12.67 3.43
C THR A 110 -2.26 11.49 3.88
N PRO A 111 -1.12 11.25 3.18
CA PRO A 111 -0.18 10.22 3.64
C PRO A 111 0.28 10.44 5.08
N LEU A 112 0.42 11.69 5.49
CA LEU A 112 0.84 12.01 6.85
C LEU A 112 -0.23 11.62 7.89
N HIS A 113 -1.50 11.81 7.56
CA HIS A 113 -2.58 11.30 8.41
C HIS A 113 -2.39 9.81 8.63
N GLU A 114 -2.08 9.08 7.55
CA GLU A 114 -1.91 7.63 7.65
C GLU A 114 -0.75 7.27 8.56
N ALA A 115 0.43 7.79 8.24
CA ALA A 115 1.63 7.48 9.00
C ALA A 115 1.51 7.88 10.46
N ALA A 116 0.83 8.99 10.72
CA ALA A 116 0.65 9.45 12.11
C ALA A 116 -0.29 8.54 12.91
N ALA A 117 -1.46 8.27 12.36
CA ALA A 117 -2.45 7.42 13.01
C ALA A 117 -1.92 6.01 13.22
N LYS A 118 -1.06 5.55 12.30
CA LYS A 118 -0.56 4.18 12.36
C LYS A 118 0.75 4.02 13.12
N GLY A 119 1.25 5.13 13.67
CA GLY A 119 2.41 5.10 14.55
C GLY A 119 3.75 4.88 13.86
N LYS A 120 3.89 5.42 12.65
CA LYS A 120 5.08 5.19 11.82
C LYS A 120 5.99 6.42 11.86
N TYR A 121 6.89 6.46 12.84
CA TYR A 121 7.69 7.65 13.07
C TYR A 121 8.57 8.01 11.88
N GLU A 122 9.35 7.05 11.39
CA GLU A 122 10.30 7.36 10.32
C GLU A 122 9.61 7.78 9.03
N ILE A 123 8.44 7.22 8.76
CA ILE A 123 7.69 7.66 7.58
C ILE A 123 7.14 9.08 7.77
N CYS A 124 6.57 9.36 8.93
CA CYS A 124 6.21 10.74 9.26
C CYS A 124 7.37 11.68 9.00
N LYS A 125 8.57 11.29 9.45
CA LYS A 125 9.76 12.13 9.34
C LYS A 125 10.11 12.34 7.87
N LEU A 126 10.17 11.25 7.12
CA LEU A 126 10.37 11.30 5.67
C LEU A 126 9.41 12.27 5.00
N LEU A 127 8.11 12.12 5.31
CA LEU A 127 7.11 12.99 4.70
C LEU A 127 7.33 14.45 5.05
N LEU A 128 7.64 14.73 6.31
CA LEU A 128 7.86 16.11 6.74
C LEU A 128 9.08 16.74 6.07
N GLN A 129 10.13 15.94 5.87
CA GLN A 129 11.34 16.41 5.21
C GLN A 129 11.04 16.82 3.77
N HIS A 130 9.99 16.23 3.21
CA HIS A 130 9.58 16.52 1.84
C HIS A 130 8.41 17.49 1.77
N GLY A 131 8.16 18.20 2.86
CA GLY A 131 7.21 19.28 2.85
C GLY A 131 5.78 18.92 3.24
N ALA A 132 5.57 17.72 3.80
CA ALA A 132 4.24 17.36 4.27
C ALA A 132 3.78 18.31 5.36
N ASP A 133 2.51 18.71 5.28
CA ASP A 133 1.94 19.71 6.17
C ASP A 133 1.18 19.07 7.34
N PRO A 134 1.70 19.20 8.56
CA PRO A 134 1.06 18.61 9.74
C PRO A 134 -0.20 19.36 10.20
N THR A 135 -0.52 20.46 9.54
CA THR A 135 -1.69 21.27 9.93
C THR A 135 -2.92 21.00 9.07
N LYS A 136 -2.75 20.20 8.03
CA LYS A 136 -3.83 19.89 7.10
C LYS A 136 -4.95 19.10 7.77
N LYS A 137 -6.17 19.64 7.77
CA LYS A 137 -7.30 18.96 8.38
C LYS A 137 -8.02 18.05 7.39
N ASN A 138 -8.44 16.87 7.84
CA ASN A 138 -9.30 16.03 7.00
C ASN A 138 -10.77 16.42 7.17
N ARG A 139 -11.66 15.66 6.56
CA ARG A 139 -13.09 15.95 6.57
C ARG A 139 -13.67 16.06 7.98
N ASP A 140 -13.04 15.37 8.92
CA ASP A 140 -13.50 15.34 10.31
C ASP A 140 -12.95 16.51 11.10
N GLY A 141 -12.12 17.32 10.45
CA GLY A 141 -11.48 18.44 11.11
C GLY A 141 -10.21 18.06 11.85
N ASN A 142 -9.73 16.83 11.62
CA ASN A 142 -8.57 16.33 12.33
C ASN A 142 -7.29 16.49 11.52
N THR A 143 -6.25 17.01 12.16
CA THR A 143 -4.92 17.05 11.56
C THR A 143 -4.25 15.70 11.78
N PRO A 144 -3.11 15.47 11.11
CA PRO A 144 -2.36 14.25 11.44
C PRO A 144 -2.00 14.14 12.93
N LEU A 145 -1.62 15.25 13.54
CA LEU A 145 -1.33 15.27 14.98
C LEU A 145 -2.52 14.81 15.82
N ASP A 146 -3.72 15.23 15.43
CA ASP A 146 -4.94 14.84 16.13
C ASP A 146 -5.12 13.31 16.15
N LEU A 147 -4.55 12.62 15.17
CA LEU A 147 -4.77 11.19 15.01
C LEU A 147 -3.74 10.32 15.73
N VAL A 148 -2.69 10.94 16.27
CA VAL A 148 -1.61 10.18 16.90
C VAL A 148 -2.05 9.52 18.21
N LYS A 149 -1.71 8.24 18.36
CA LYS A 149 -2.03 7.49 19.58
C LYS A 149 -1.36 8.11 20.80
N ASP A 150 -2.06 8.09 21.93
CA ASP A 150 -1.56 8.67 23.18
C ASP A 150 -0.12 8.25 23.51
N GLY A 151 0.18 6.96 23.34
CA GLY A 151 1.49 6.44 23.68
C GLY A 151 2.63 6.91 22.78
N ASP A 152 2.29 7.45 21.61
CA ASP A 152 3.31 7.82 20.61
C ASP A 152 3.79 9.26 20.78
N THR A 153 4.38 9.54 21.94
CA THR A 153 4.84 10.90 22.25
C THR A 153 5.97 11.38 21.33
N ASP A 154 6.77 10.45 20.81
CA ASP A 154 7.81 10.82 19.86
C ASP A 154 7.22 11.40 18.56
N ILE A 155 6.13 10.79 18.09
CA ILE A 155 5.48 11.27 16.88
C ILE A 155 4.76 12.60 17.12
N GLN A 156 4.16 12.74 18.30
CA GLN A 156 3.55 14.01 18.69
C GLN A 156 4.59 15.14 18.64
N ASP A 157 5.76 14.90 19.25
CA ASP A 157 6.84 15.87 19.26
C ASP A 157 7.31 16.22 17.84
N LEU A 158 7.40 15.21 16.99
CA LEU A 158 7.86 15.39 15.62
C LEU A 158 6.92 16.28 14.83
N LEU A 159 5.63 16.03 14.97
CA LEU A 159 4.63 16.74 14.20
C LEU A 159 4.34 18.14 14.74
N ARG A 160 4.52 18.34 16.04
CA ARG A 160 4.29 19.66 16.67
C ARG A 160 5.35 20.67 16.27
N GLY B 4 -35.07 4.09 1.63
CA GLY B 4 -34.80 3.43 2.90
C GLY B 4 -35.38 2.03 2.97
N ASN B 5 -35.52 1.51 4.18
CA ASN B 5 -36.10 0.19 4.40
C ASN B 5 -37.63 0.20 4.31
N SER B 6 -38.19 -0.92 3.88
CA SER B 6 -39.64 -1.12 3.90
C SER B 6 -40.10 -1.11 5.35
N GLU B 7 -41.40 -0.92 5.56
CA GLU B 7 -41.94 -0.92 6.91
C GLU B 7 -41.63 -2.21 7.65
N ALA B 8 -41.88 -3.34 7.01
CA ALA B 8 -41.62 -4.64 7.61
C ALA B 8 -40.14 -4.84 7.93
N ASP B 9 -39.26 -4.39 7.05
CA ASP B 9 -37.83 -4.57 7.29
C ASP B 9 -37.41 -3.76 8.49
N ARG B 10 -37.83 -2.50 8.55
CA ARG B 10 -37.49 -1.64 9.68
C ARG B 10 -37.98 -2.26 10.98
N GLN B 11 -39.22 -2.74 10.97
CA GLN B 11 -39.80 -3.31 12.17
C GLN B 11 -39.15 -4.64 12.53
N LEU B 12 -38.72 -5.41 11.53
CA LEU B 12 -37.97 -6.63 11.81
C LEU B 12 -36.60 -6.33 12.44
N LEU B 13 -35.89 -5.35 11.88
CA LEU B 13 -34.61 -4.96 12.46
C LEU B 13 -34.78 -4.49 13.89
N GLU B 14 -35.76 -3.63 14.13
CA GLU B 14 -36.02 -3.16 15.49
C GLU B 14 -36.41 -4.31 16.45
N ALA B 15 -37.22 -5.24 15.97
CA ALA B 15 -37.63 -6.39 16.80
C ALA B 15 -36.45 -7.30 17.12
N ALA B 16 -35.53 -7.44 16.16
CA ALA B 16 -34.35 -8.26 16.39
C ALA B 16 -33.46 -7.61 17.45
N LYS B 17 -33.31 -6.28 17.38
CA LYS B 17 -32.51 -5.56 18.37
C LYS B 17 -33.13 -5.66 19.76
N ALA B 18 -34.46 -5.60 19.81
CA ALA B 18 -35.19 -5.61 21.08
C ALA B 18 -35.37 -7.00 21.69
N GLY B 19 -35.17 -8.03 20.87
CA GLY B 19 -35.44 -9.40 21.29
C GLY B 19 -36.92 -9.75 21.27
N ASP B 20 -37.68 -9.04 20.44
CA ASP B 20 -39.14 -9.24 20.35
C ASP B 20 -39.39 -10.39 19.36
N VAL B 21 -39.33 -11.62 19.87
CA VAL B 21 -39.34 -12.78 19.00
C VAL B 21 -40.69 -12.97 18.29
N GLU B 22 -41.78 -12.60 18.96
CA GLU B 22 -43.11 -12.75 18.38
C GLU B 22 -43.24 -11.89 17.12
N THR B 23 -42.74 -10.67 17.19
CA THR B 23 -42.75 -9.77 16.05
C THR B 23 -41.85 -10.29 14.92
N VAL B 24 -40.66 -10.75 15.28
CA VAL B 24 -39.77 -11.38 14.30
C VAL B 24 -40.48 -12.51 13.56
N LYS B 25 -41.15 -13.37 14.31
CA LYS B 25 -41.89 -14.48 13.73
C LYS B 25 -42.97 -14.02 12.73
N LYS B 26 -43.71 -12.96 13.08
CA LYS B 26 -44.77 -12.48 12.20
C LYS B 26 -44.21 -11.87 10.90
N LEU B 27 -43.04 -11.25 10.99
CA LEU B 27 -42.50 -10.49 9.88
C LEU B 27 -41.46 -11.25 9.07
N CYS B 28 -40.88 -12.28 9.66
CA CYS B 28 -39.79 -12.99 9.02
C CYS B 28 -40.25 -13.73 7.77
N THR B 29 -39.68 -13.37 6.64
CA THR B 29 -39.95 -14.07 5.38
C THR B 29 -38.61 -14.26 4.69
N VAL B 30 -38.59 -15.04 3.60
CA VAL B 30 -37.35 -15.21 2.85
C VAL B 30 -36.85 -13.87 2.33
N GLN B 31 -37.77 -12.93 2.12
CA GLN B 31 -37.44 -11.62 1.58
C GLN B 31 -37.00 -10.62 2.66
N SER B 32 -37.33 -10.88 3.91
CA SER B 32 -36.93 -9.95 4.97
C SER B 32 -35.87 -10.50 5.93
N VAL B 33 -35.66 -11.82 5.95
CA VAL B 33 -34.83 -12.43 7.00
C VAL B 33 -33.39 -11.93 6.96
N ASN B 34 -32.93 -11.61 5.75
CA ASN B 34 -31.58 -11.10 5.55
C ASN B 34 -31.58 -9.68 5.01
N CYS B 35 -32.61 -8.91 5.34
CA CYS B 35 -32.67 -7.51 4.96
C CYS B 35 -31.50 -6.74 5.58
N ARG B 36 -31.15 -5.62 4.95
CA ARG B 36 -30.04 -4.81 5.45
C ARG B 36 -30.48 -3.43 5.90
N ASP B 37 -29.99 -3.05 7.07
CA ASP B 37 -30.28 -1.74 7.64
C ASP B 37 -29.67 -0.61 6.82
N ILE B 38 -30.52 0.13 6.12
CA ILE B 38 -30.10 1.33 5.40
C ILE B 38 -29.70 2.42 6.39
N ARG B 41 -25.52 0.46 8.93
CA ARG B 41 -24.29 -0.11 8.42
C ARG B 41 -24.56 -1.31 7.53
N GLN B 42 -25.79 -1.41 7.02
CA GLN B 42 -26.23 -2.60 6.29
C GLN B 42 -26.17 -3.83 7.19
N SER B 43 -26.34 -3.63 8.49
CA SER B 43 -26.50 -4.75 9.42
C SER B 43 -27.77 -5.54 9.14
N THR B 44 -27.70 -6.85 9.29
CA THR B 44 -28.89 -7.69 9.13
C THR B 44 -29.57 -7.89 10.49
N PRO B 45 -30.81 -8.43 10.49
CA PRO B 45 -31.46 -8.84 11.75
C PRO B 45 -30.55 -9.71 12.61
N LEU B 46 -29.84 -10.66 12.01
CA LEU B 46 -28.95 -11.53 12.79
C LEU B 46 -27.82 -10.74 13.46
N HIS B 47 -27.27 -9.74 12.77
CA HIS B 47 -26.24 -8.87 13.37
C HIS B 47 -26.78 -8.21 14.65
N PHE B 48 -27.98 -7.63 14.54
CA PHE B 48 -28.60 -6.96 15.69
C PHE B 48 -28.89 -7.93 16.84
N ALA B 49 -29.51 -9.06 16.53
CA ALA B 49 -29.83 -10.06 17.55
C ALA B 49 -28.56 -10.56 18.24
N ALA B 50 -27.51 -10.77 17.46
CA ALA B 50 -26.25 -11.28 17.99
C ALA B 50 -25.59 -10.26 18.90
N GLY B 51 -25.52 -9.01 18.44
CA GLY B 51 -24.86 -7.96 19.20
C GLY B 51 -25.59 -7.61 20.49
N TYR B 52 -26.91 -7.74 20.48
CA TYR B 52 -27.74 -7.41 21.64
C TYR B 52 -28.14 -8.61 22.50
N ASN B 53 -27.53 -9.76 22.21
CA ASN B 53 -27.67 -10.96 23.03
C ASN B 53 -29.11 -11.43 23.09
N ARG B 54 -29.77 -11.46 21.92
CA ARG B 54 -31.16 -11.86 21.85
C ARG B 54 -31.21 -13.29 21.36
N VAL B 55 -31.03 -14.21 22.30
CA VAL B 55 -30.84 -15.62 21.98
C VAL B 55 -32.05 -16.26 21.27
N SER B 56 -33.26 -15.96 21.74
CA SER B 56 -34.44 -16.54 21.11
C SER B 56 -34.57 -16.09 19.64
N VAL B 57 -34.29 -14.83 19.40
CA VAL B 57 -34.31 -14.30 18.04
C VAL B 57 -33.19 -14.90 17.18
N VAL B 58 -31.98 -15.00 17.75
CA VAL B 58 -30.87 -15.59 17.02
C VAL B 58 -31.22 -17.02 16.58
N GLU B 59 -31.74 -17.80 17.50
CA GLU B 59 -32.14 -19.19 17.18
C GLU B 59 -33.21 -19.24 16.08
N TYR B 60 -34.25 -18.43 16.22
CA TYR B 60 -35.33 -18.42 15.24
C TYR B 60 -34.80 -18.01 13.86
N LEU B 61 -33.98 -16.97 13.81
CA LEU B 61 -33.45 -16.47 12.54
C LEU B 61 -32.62 -17.55 11.85
N LEU B 62 -31.79 -18.24 12.62
CA LEU B 62 -30.94 -19.30 12.08
C LEU B 62 -31.73 -20.49 11.53
N GLN B 63 -32.88 -20.77 12.14
CA GLN B 63 -33.76 -21.86 11.70
C GLN B 63 -34.62 -21.46 10.51
N HIS B 64 -34.55 -20.20 10.12
CA HIS B 64 -35.38 -19.68 9.03
C HIS B 64 -34.61 -18.91 7.97
N GLY B 65 -33.38 -19.35 7.72
CA GLY B 65 -32.66 -18.93 6.53
C GLY B 65 -31.70 -17.76 6.70
N ALA B 66 -31.53 -17.29 7.93
CA ALA B 66 -30.63 -16.17 8.14
C ALA B 66 -29.19 -16.56 7.75
N ASP B 67 -28.47 -15.60 7.18
CA ASP B 67 -27.13 -15.80 6.64
C ASP B 67 -26.09 -15.57 7.74
N VAL B 68 -25.50 -16.64 8.26
CA VAL B 68 -24.46 -16.51 9.28
C VAL B 68 -23.24 -15.79 8.75
N HIS B 69 -23.13 -15.71 7.42
CA HIS B 69 -21.94 -15.14 6.81
C HIS B 69 -22.17 -13.74 6.27
N ALA B 70 -23.32 -13.15 6.54
CA ALA B 70 -23.64 -11.83 6.01
C ALA B 70 -22.65 -10.79 6.57
N LYS B 71 -22.10 -9.96 5.70
CA LYS B 71 -21.16 -8.93 6.14
C LYS B 71 -21.83 -7.56 6.19
N ASP B 72 -21.58 -6.80 7.25
CA ASP B 72 -22.04 -5.40 7.26
C ASP B 72 -21.07 -4.53 6.48
N LYS B 73 -21.25 -3.22 6.55
CA LYS B 73 -20.44 -2.30 5.75
C LYS B 73 -18.95 -2.38 6.08
N GLY B 74 -18.61 -2.82 7.29
CA GLY B 74 -17.23 -2.96 7.70
C GLY B 74 -16.64 -4.35 7.51
N GLY B 75 -17.43 -5.24 6.93
CA GLY B 75 -17.00 -6.62 6.74
C GLY B 75 -17.27 -7.48 7.95
N LEU B 76 -17.98 -6.95 8.95
CA LEU B 76 -18.27 -7.72 10.17
C LEU B 76 -19.37 -8.72 9.92
N VAL B 77 -19.18 -9.94 10.43
CA VAL B 77 -20.25 -10.93 10.42
C VAL B 77 -20.87 -10.99 11.82
N PRO B 78 -22.06 -11.61 11.98
CA PRO B 78 -22.68 -11.63 13.30
C PRO B 78 -21.81 -12.25 14.40
N LEU B 79 -20.90 -13.16 14.04
CA LEU B 79 -19.99 -13.72 15.04
C LEU B 79 -19.08 -12.65 15.65
N HIS B 80 -18.65 -11.68 14.84
CA HIS B 80 -17.90 -10.54 15.37
C HIS B 80 -18.73 -9.80 16.43
N ASN B 81 -20.00 -9.55 16.13
CA ASN B 81 -20.87 -8.85 17.09
C ASN B 81 -20.97 -9.59 18.41
N ALA B 82 -21.24 -10.90 18.32
CA ALA B 82 -21.35 -11.75 19.51
C ALA B 82 -20.08 -11.73 20.33
N CYS B 83 -18.93 -11.77 19.65
CA CYS B 83 -17.65 -11.88 20.36
C CYS B 83 -17.19 -10.58 20.98
N SER B 84 -17.49 -9.48 20.30
CA SER B 84 -17.13 -8.16 20.81
C SER B 84 -17.81 -7.89 22.14
N TYR B 85 -19.00 -8.44 22.30
CA TYR B 85 -19.82 -8.10 23.47
C TYR B 85 -19.97 -9.25 24.47
N GLY B 86 -19.21 -10.32 24.26
CA GLY B 86 -19.09 -11.38 25.27
C GLY B 86 -20.26 -12.34 25.32
N HIS B 87 -20.98 -12.44 24.22
CA HIS B 87 -22.23 -13.20 24.21
C HIS B 87 -21.94 -14.68 23.86
N TYR B 88 -21.64 -15.45 24.88
CA TYR B 88 -21.13 -16.81 24.71
C TYR B 88 -22.13 -17.71 23.99
N GLU B 89 -23.35 -17.78 24.52
CA GLU B 89 -24.35 -18.64 23.92
C GLU B 89 -24.58 -18.27 22.46
N VAL B 90 -24.64 -16.96 22.19
CA VAL B 90 -24.85 -16.52 20.82
C VAL B 90 -23.71 -16.99 19.91
N ALA B 91 -22.47 -16.83 20.36
CA ALA B 91 -21.32 -17.29 19.57
C ALA B 91 -21.44 -18.78 19.28
N GLU B 92 -21.83 -19.55 20.30
CA GLU B 92 -22.00 -20.99 20.17
C GLU B 92 -23.08 -21.35 19.16
N LEU B 93 -24.20 -20.63 19.21
CA LEU B 93 -25.29 -20.89 18.27
C LEU B 93 -24.85 -20.60 16.83
N LEU B 94 -24.12 -19.51 16.65
CA LEU B 94 -23.60 -19.17 15.32
C LEU B 94 -22.63 -20.23 14.79
N VAL B 95 -21.68 -20.65 15.62
CA VAL B 95 -20.75 -21.71 15.26
C VAL B 95 -21.43 -23.04 14.92
N LYS B 96 -22.45 -23.41 15.71
CA LYS B 96 -23.22 -24.62 15.46
C LYS B 96 -23.97 -24.56 14.13
N HIS B 97 -24.27 -23.34 13.68
CA HIS B 97 -24.95 -23.15 12.40
C HIS B 97 -24.01 -22.80 11.25
N GLY B 98 -22.70 -23.01 11.44
CA GLY B 98 -21.77 -22.91 10.33
C GLY B 98 -20.86 -21.68 10.28
N ALA B 99 -20.94 -20.79 11.26
CA ALA B 99 -20.10 -19.60 11.24
C ALA B 99 -18.63 -19.99 11.17
N VAL B 100 -17.88 -19.31 10.33
CA VAL B 100 -16.44 -19.53 10.19
C VAL B 100 -15.71 -18.76 11.29
N VAL B 101 -14.94 -19.45 12.14
CA VAL B 101 -14.34 -18.75 13.29
C VAL B 101 -13.15 -17.84 12.90
N ASN B 102 -12.46 -18.16 11.81
CA ASN B 102 -11.36 -17.30 11.36
C ASN B 102 -11.74 -16.19 10.38
N VAL B 103 -13.04 -15.95 10.22
CA VAL B 103 -13.52 -14.90 9.32
C VAL B 103 -12.87 -13.56 9.63
N ALA B 104 -12.57 -12.78 8.60
CA ALA B 104 -11.94 -11.49 8.83
C ALA B 104 -12.79 -10.36 8.26
N ASP B 105 -12.85 -9.23 8.98
CA ASP B 105 -13.49 -8.03 8.46
C ASP B 105 -12.58 -7.26 7.49
N LEU B 106 -12.97 -6.04 7.14
CA LEU B 106 -12.20 -5.25 6.17
C LEU B 106 -10.77 -4.94 6.66
N TRP B 107 -10.63 -4.84 7.98
CA TRP B 107 -9.36 -4.54 8.64
C TRP B 107 -8.62 -5.82 9.01
N LYS B 108 -9.15 -6.95 8.56
CA LYS B 108 -8.65 -8.29 8.93
C LYS B 108 -8.71 -8.60 10.43
N PHE B 109 -9.62 -7.93 11.15
CA PHE B 109 -9.92 -8.37 12.52
C PHE B 109 -10.74 -9.66 12.42
N THR B 110 -10.30 -10.69 13.11
CA THR B 110 -11.10 -11.90 13.29
C THR B 110 -11.96 -11.76 14.55
N PRO B 111 -12.93 -12.68 14.75
CA PRO B 111 -13.65 -12.65 16.03
C PRO B 111 -12.70 -12.73 17.24
N LEU B 112 -11.58 -13.42 17.09
CA LEU B 112 -10.61 -13.52 18.18
C LEU B 112 -9.93 -12.17 18.48
N HIS B 113 -9.57 -11.41 17.44
CA HIS B 113 -9.01 -10.06 17.65
C HIS B 113 -10.02 -9.24 18.43
N GLU B 114 -11.28 -9.37 18.05
CA GLU B 114 -12.34 -8.58 18.65
C GLU B 114 -12.51 -8.94 20.12
N ALA B 115 -12.56 -10.24 20.42
CA ALA B 115 -12.73 -10.68 21.81
C ALA B 115 -11.51 -10.33 22.67
N ALA B 116 -10.32 -10.50 22.11
CA ALA B 116 -9.09 -10.15 22.83
C ALA B 116 -9.08 -8.67 23.19
N ALA B 117 -9.38 -7.82 22.20
CA ALA B 117 -9.33 -6.38 22.39
C ALA B 117 -10.37 -5.89 23.39
N LYS B 118 -11.51 -6.59 23.44
CA LYS B 118 -12.61 -6.22 24.34
C LYS B 118 -12.50 -6.91 25.70
N GLY B 119 -11.49 -7.75 25.86
CA GLY B 119 -11.21 -8.35 27.16
C GLY B 119 -12.18 -9.46 27.53
N LYS B 120 -12.68 -10.18 26.53
CA LYS B 120 -13.70 -11.20 26.78
C LYS B 120 -13.01 -12.56 26.85
N TYR B 121 -12.62 -12.96 28.05
CA TYR B 121 -11.83 -14.18 28.23
C TYR B 121 -12.56 -15.45 27.76
N GLU B 122 -13.80 -15.65 28.23
CA GLU B 122 -14.53 -16.87 27.89
C GLU B 122 -14.72 -17.02 26.37
N ILE B 123 -14.94 -15.90 25.69
CA ILE B 123 -15.11 -15.91 24.24
C ILE B 123 -13.81 -16.33 23.56
N CYS B 124 -12.69 -15.76 24.02
CA CYS B 124 -11.38 -16.11 23.47
C CYS B 124 -11.15 -17.60 23.60
N LYS B 125 -11.44 -18.14 24.78
CA LYS B 125 -11.26 -19.57 25.01
C LYS B 125 -12.21 -20.41 24.15
N LEU B 126 -13.47 -20.00 24.07
CA LEU B 126 -14.42 -20.70 23.19
C LEU B 126 -13.97 -20.73 21.72
N LEU B 127 -13.51 -19.59 21.21
CA LEU B 127 -13.01 -19.52 19.83
C LEU B 127 -11.80 -20.42 19.63
N LEU B 128 -10.88 -20.39 20.59
CA LEU B 128 -9.73 -21.31 20.52
C LEU B 128 -10.18 -22.77 20.53
N GLN B 129 -11.17 -23.11 21.36
CA GLN B 129 -11.69 -24.48 21.40
C GLN B 129 -12.31 -24.89 20.07
N HIS B 130 -12.85 -23.92 19.33
CA HIS B 130 -13.41 -24.17 18.00
C HIS B 130 -12.38 -24.00 16.87
N GLY B 131 -11.11 -23.92 17.23
CA GLY B 131 -10.05 -23.88 16.24
C GLY B 131 -9.67 -22.52 15.69
N ALA B 132 -10.01 -21.44 16.40
CA ALA B 132 -9.56 -20.13 15.94
C ALA B 132 -8.03 -20.07 15.98
N ASP B 133 -7.44 -19.43 14.98
CA ASP B 133 -5.99 -19.36 14.83
C ASP B 133 -5.49 -18.09 15.51
N PRO B 134 -4.74 -18.25 16.60
CA PRO B 134 -4.24 -17.09 17.36
C PRO B 134 -3.05 -16.38 16.67
N THR B 135 -2.60 -16.89 15.53
CA THR B 135 -1.46 -16.26 14.84
C THR B 135 -1.91 -15.31 13.74
N LYS B 136 -3.22 -15.22 13.51
CA LYS B 136 -3.75 -14.36 12.45
C LYS B 136 -3.46 -12.89 12.74
N LYS B 137 -2.94 -12.19 11.74
CA LYS B 137 -2.63 -10.78 11.93
C LYS B 137 -3.60 -9.88 11.18
N ASN B 138 -4.02 -8.80 11.84
CA ASN B 138 -4.84 -7.81 11.16
C ASN B 138 -3.98 -6.98 10.19
N ARG B 139 -4.58 -6.00 9.53
CA ARG B 139 -3.84 -5.23 8.52
C ARG B 139 -2.73 -4.39 9.11
N ASP B 140 -2.83 -4.06 10.38
CA ASP B 140 -1.74 -3.32 11.02
C ASP B 140 -0.64 -4.23 11.57
N GLY B 141 -0.81 -5.54 11.34
CA GLY B 141 0.20 -6.52 11.72
C GLY B 141 0.07 -7.07 13.12
N ASN B 142 -1.08 -6.83 13.76
CA ASN B 142 -1.27 -7.26 15.14
C ASN B 142 -2.04 -8.58 15.24
N THR B 143 -1.53 -9.50 16.07
CA THR B 143 -2.27 -10.72 16.39
C THR B 143 -3.30 -10.37 17.47
N PRO B 144 -4.22 -11.31 17.79
CA PRO B 144 -5.10 -11.03 18.93
C PRO B 144 -4.32 -10.74 20.23
N LEU B 145 -3.24 -11.45 20.47
CA LEU B 145 -2.38 -11.19 21.63
C LEU B 145 -1.91 -9.73 21.68
N ASP B 146 -1.53 -9.17 20.51
CA ASP B 146 -1.03 -7.80 20.45
C ASP B 146 -2.07 -6.77 20.89
N LEU B 147 -3.34 -7.13 20.80
CA LEU B 147 -4.44 -6.19 21.04
C LEU B 147 -4.96 -6.22 22.47
N VAL B 148 -4.50 -7.19 23.25
CA VAL B 148 -4.94 -7.32 24.64
C VAL B 148 -4.45 -6.14 25.50
N LYS B 149 -5.38 -5.56 26.25
CA LYS B 149 -5.03 -4.56 27.27
C LYS B 149 -3.94 -5.08 28.19
N ASP B 150 -3.02 -4.22 28.58
CA ASP B 150 -1.86 -4.66 29.36
C ASP B 150 -2.21 -5.14 30.78
N GLY B 151 -3.41 -4.82 31.24
CA GLY B 151 -3.88 -5.31 32.52
C GLY B 151 -4.49 -6.70 32.45
N ASP B 152 -4.81 -7.15 31.24
CA ASP B 152 -5.42 -8.47 31.04
C ASP B 152 -4.38 -9.56 30.81
N THR B 153 -3.56 -9.81 31.82
CA THR B 153 -2.48 -10.79 31.71
C THR B 153 -2.97 -12.23 31.53
N ASP B 154 -4.20 -12.51 31.95
CA ASP B 154 -4.74 -13.87 31.80
C ASP B 154 -5.11 -14.18 30.35
N ILE B 155 -5.72 -13.21 29.66
CA ILE B 155 -5.96 -13.36 28.22
C ILE B 155 -4.62 -13.47 27.47
N GLN B 156 -3.63 -12.70 27.90
CA GLN B 156 -2.31 -12.79 27.30
C GLN B 156 -1.77 -14.22 27.43
N ASP B 157 -1.81 -14.74 28.65
CA ASP B 157 -1.41 -16.13 28.90
C ASP B 157 -2.21 -17.14 28.06
N LEU B 158 -3.51 -16.91 27.93
CA LEU B 158 -4.37 -17.82 27.17
C LEU B 158 -3.95 -17.88 25.70
N LEU B 159 -3.70 -16.72 25.11
CA LEU B 159 -3.37 -16.67 23.70
C LEU B 159 -1.93 -17.14 23.45
N ARG B 160 -1.02 -16.81 24.36
CA ARG B 160 0.37 -17.25 24.24
C ARG B 160 0.48 -18.77 24.29
N GLY C 1 25.27 29.83 -41.75
CA GLY C 1 24.41 30.06 -40.61
C GLY C 1 22.99 29.60 -40.84
N ALA C 2 22.64 29.30 -42.10
CA ALA C 2 21.31 28.81 -42.43
C ALA C 2 20.96 27.52 -41.67
N MET C 3 19.75 27.45 -41.12
CA MET C 3 19.35 26.32 -40.30
C MET C 3 17.86 26.03 -40.39
N GLY C 4 17.51 24.75 -40.25
CA GLY C 4 16.12 24.33 -40.23
C GLY C 4 15.98 22.83 -40.36
N ASN C 5 14.74 22.34 -40.21
CA ASN C 5 14.46 20.92 -40.36
C ASN C 5 14.79 20.43 -41.76
N SER C 6 15.11 19.15 -41.89
CA SER C 6 15.36 18.58 -43.21
C SER C 6 14.05 18.59 -43.99
N GLU C 7 14.13 18.47 -45.30
CA GLU C 7 12.93 18.41 -46.11
C GLU C 7 12.06 17.21 -45.70
N ALA C 8 12.72 16.08 -45.45
CA ALA C 8 12.03 14.87 -45.01
C ALA C 8 11.24 15.10 -43.72
N ASP C 9 11.87 15.72 -42.72
CA ASP C 9 11.19 15.95 -41.44
C ASP C 9 10.06 16.99 -41.58
N ARG C 10 10.31 18.03 -42.36
CA ARG C 10 9.30 19.05 -42.59
C ARG C 10 8.05 18.42 -43.21
N GLN C 11 8.25 17.59 -44.22
CA GLN C 11 7.14 16.91 -44.89
C GLN C 11 6.42 15.94 -43.96
N LEU C 12 7.15 15.27 -43.07
CA LEU C 12 6.54 14.35 -42.11
C LEU C 12 5.67 15.10 -41.09
N LEU C 13 6.19 16.21 -40.58
CA LEU C 13 5.47 17.00 -39.60
C LEU C 13 4.23 17.63 -40.23
N GLU C 14 4.34 18.13 -41.45
CA GLU C 14 3.19 18.66 -42.16
C GLU C 14 2.13 17.60 -42.43
N ALA C 15 2.57 16.40 -42.77
CA ALA C 15 1.65 15.31 -43.07
C ALA C 15 0.92 14.87 -41.81
N ALA C 16 1.64 14.82 -40.69
CA ALA C 16 1.03 14.46 -39.41
C ALA C 16 -0.04 15.49 -39.03
N LYS C 17 0.28 16.77 -39.23
CA LYS C 17 -0.66 17.86 -38.97
C LYS C 17 -1.90 17.80 -39.87
N ALA C 18 -1.72 17.36 -41.10
CA ALA C 18 -2.79 17.36 -42.09
C ALA C 18 -3.60 16.06 -42.09
N GLY C 19 -3.08 15.02 -41.43
CA GLY C 19 -3.72 13.72 -41.48
C GLY C 19 -3.44 12.96 -42.76
N ASP C 20 -2.31 13.24 -43.40
CA ASP C 20 -1.92 12.54 -44.63
C ASP C 20 -1.14 11.28 -44.28
N VAL C 21 -1.86 10.20 -43.99
CA VAL C 21 -1.21 9.00 -43.46
C VAL C 21 -0.28 8.32 -44.47
N GLU C 22 -0.60 8.44 -45.76
CA GLU C 22 0.25 7.84 -46.77
C GLU C 22 1.64 8.46 -46.79
N THR C 23 1.69 9.78 -46.63
CA THR C 23 2.98 10.46 -46.56
C THR C 23 3.69 10.10 -45.25
N VAL C 24 2.92 9.95 -44.18
CA VAL C 24 3.49 9.55 -42.89
C VAL C 24 4.12 8.15 -43.00
N LYS C 25 3.38 7.21 -43.60
CA LYS C 25 3.88 5.85 -43.82
C LYS C 25 5.21 5.79 -44.56
N LYS C 26 5.36 6.64 -45.57
CA LYS C 26 6.55 6.59 -46.40
C LYS C 26 7.76 7.26 -45.74
N LEU C 27 7.50 8.22 -44.84
CA LEU C 27 8.58 9.01 -44.25
C LEU C 27 8.93 8.62 -42.82
N CYS C 28 8.03 7.86 -42.17
CA CYS C 28 8.24 7.47 -40.78
C CYS C 28 9.33 6.41 -40.65
N THR C 29 10.39 6.74 -39.92
CA THR C 29 11.49 5.83 -39.64
C THR C 29 11.84 5.91 -38.15
N VAL C 30 12.74 5.04 -37.68
CA VAL C 30 13.16 5.12 -36.29
C VAL C 30 13.75 6.50 -36.01
N GLN C 31 14.50 7.01 -36.99
CA GLN C 31 15.14 8.31 -36.88
C GLN C 31 14.17 9.48 -36.84
N SER C 32 13.13 9.45 -37.67
CA SER C 32 12.28 10.61 -37.86
C SER C 32 10.99 10.63 -37.04
N VAL C 33 10.61 9.47 -36.49
CA VAL C 33 9.27 9.34 -35.90
C VAL C 33 9.03 10.33 -34.76
N ASN C 34 10.09 10.64 -34.02
CA ASN C 34 10.02 11.63 -32.94
C ASN C 34 10.86 12.88 -33.24
N CYS C 35 10.94 13.27 -34.50
CA CYS C 35 11.62 14.52 -34.87
C CYS C 35 10.78 15.67 -34.31
N ARG C 36 11.35 16.86 -34.28
CA ARG C 36 10.70 18.00 -33.64
C ARG C 36 10.71 19.24 -34.53
N ASP C 37 9.58 19.91 -34.59
CA ASP C 37 9.43 21.13 -35.38
C ASP C 37 10.12 22.32 -34.72
N ILE C 38 11.19 22.81 -35.34
CA ILE C 38 11.88 24.00 -34.83
C ILE C 38 10.98 25.23 -34.93
N GLU C 39 9.94 25.11 -35.73
CA GLU C 39 9.03 26.23 -35.94
C GLU C 39 7.70 26.03 -35.22
N GLY C 40 7.59 24.96 -34.45
CA GLY C 40 6.32 24.63 -33.83
C GLY C 40 6.42 24.09 -32.41
N ARG C 41 7.05 24.88 -31.53
CA ARG C 41 7.17 24.52 -30.11
C ARG C 41 7.93 23.21 -29.93
N GLN C 42 8.76 22.85 -30.91
CA GLN C 42 9.50 21.59 -30.89
C GLN C 42 8.56 20.37 -30.75
N SER C 43 7.38 20.47 -31.36
CA SER C 43 6.41 19.40 -31.37
C SER C 43 6.84 18.25 -32.26
N THR C 44 6.49 17.03 -31.84
CA THR C 44 6.74 15.84 -32.62
C THR C 44 5.55 15.58 -33.55
N PRO C 45 5.72 14.66 -34.53
CA PRO C 45 4.57 14.25 -35.34
C PRO C 45 3.35 13.83 -34.49
N LEU C 46 3.57 13.12 -33.39
CA LEU C 46 2.46 12.71 -32.55
C LEU C 46 1.77 13.90 -31.86
N HIS C 47 2.54 14.92 -31.45
CA HIS C 47 1.91 16.14 -30.92
C HIS C 47 0.95 16.74 -31.95
N PHE C 48 1.41 16.83 -33.19
CA PHE C 48 0.63 17.42 -34.26
C PHE C 48 -0.63 16.61 -34.57
N ALA C 49 -0.47 15.31 -34.71
CA ALA C 49 -1.59 14.45 -35.05
C ALA C 49 -2.61 14.45 -33.92
N ALA C 50 -2.12 14.50 -32.68
CA ALA C 50 -2.98 14.53 -31.51
C ALA C 50 -3.77 15.83 -31.42
N GLY C 51 -3.08 16.95 -31.63
CA GLY C 51 -3.70 18.25 -31.49
C GLY C 51 -4.67 18.55 -32.63
N TYR C 52 -4.36 18.04 -33.82
CA TYR C 52 -5.22 18.28 -34.96
C TYR C 52 -6.21 17.15 -35.25
N ASN C 53 -6.36 16.24 -34.28
CA ASN C 53 -7.37 15.18 -34.34
C ASN C 53 -7.25 14.25 -35.54
N ARG C 54 -6.02 13.85 -35.86
CA ARG C 54 -5.78 13.00 -37.02
C ARG C 54 -5.63 11.56 -36.56
N VAL C 55 -6.75 10.86 -36.45
CA VAL C 55 -6.81 9.55 -35.81
C VAL C 55 -5.98 8.46 -36.51
N SER C 56 -6.13 8.30 -37.83
CA SER C 56 -5.35 7.30 -38.57
C SER C 56 -3.85 7.55 -38.35
N VAL C 57 -3.44 8.80 -38.38
CA VAL C 57 -2.03 9.13 -38.18
C VAL C 57 -1.58 8.82 -36.75
N VAL C 58 -2.37 9.25 -35.76
CA VAL C 58 -2.05 8.92 -34.37
C VAL C 58 -1.84 7.42 -34.22
N GLU C 59 -2.75 6.63 -34.77
CA GLU C 59 -2.68 5.19 -34.64
C GLU C 59 -1.45 4.61 -35.31
N TYR C 60 -1.17 5.07 -36.53
CA TYR C 60 0.00 4.60 -37.24
C TYR C 60 1.27 4.97 -36.48
N LEU C 61 1.33 6.21 -35.99
CA LEU C 61 2.53 6.65 -35.29
C LEU C 61 2.80 5.81 -34.03
N LEU C 62 1.73 5.51 -33.28
CA LEU C 62 1.85 4.77 -32.03
C LEU C 62 2.29 3.33 -32.28
N GLN C 63 1.92 2.79 -33.44
N GLN C 63 1.92 2.79 -33.44
CA GLN C 63 2.31 1.44 -33.82
CA GLN C 63 2.32 1.43 -33.79
C GLN C 63 3.73 1.41 -34.38
C GLN C 63 3.68 1.41 -34.48
N HIS C 64 4.28 2.59 -34.66
CA HIS C 64 5.60 2.68 -35.26
C HIS C 64 6.63 3.52 -34.49
N GLY C 65 6.55 3.49 -33.17
CA GLY C 65 7.62 4.00 -32.32
C GLY C 65 7.50 5.42 -31.83
N ALA C 66 6.37 6.07 -32.08
CA ALA C 66 6.17 7.43 -31.57
C ALA C 66 6.12 7.38 -30.05
N ASP C 67 6.63 8.42 -29.43
CA ASP C 67 6.81 8.46 -27.97
C ASP C 67 5.65 9.20 -27.29
N VAL C 68 4.80 8.49 -26.56
CA VAL C 68 3.68 9.15 -25.88
C VAL C 68 4.17 10.06 -24.76
N HIS C 69 5.40 9.83 -24.30
CA HIS C 69 5.97 10.64 -23.22
C HIS C 69 6.75 11.84 -23.72
N ALA C 70 6.90 11.96 -25.04
CA ALA C 70 7.66 13.06 -25.63
C ALA C 70 7.10 14.41 -25.21
N LYS C 71 7.97 15.28 -24.70
CA LYS C 71 7.52 16.62 -24.31
C LYS C 71 7.90 17.66 -25.36
N ASP C 72 7.00 18.62 -25.61
CA ASP C 72 7.33 19.74 -26.47
C ASP C 72 8.10 20.80 -25.68
N LYS C 73 8.30 21.97 -26.27
CA LYS C 73 9.05 23.06 -25.66
C LYS C 73 8.50 23.49 -24.30
N GLY C 74 7.20 23.33 -24.11
CA GLY C 74 6.56 23.73 -22.86
C GLY C 74 6.37 22.58 -21.89
N GLY C 75 6.90 21.41 -22.23
CA GLY C 75 6.73 20.22 -21.40
C GLY C 75 5.40 19.51 -21.62
N LEU C 76 4.69 19.89 -22.69
CA LEU C 76 3.41 19.24 -22.98
C LEU C 76 3.63 17.91 -23.68
N VAL C 77 2.88 16.89 -23.27
CA VAL C 77 2.87 15.62 -23.98
C VAL C 77 1.70 15.61 -24.96
N PRO C 78 1.72 14.73 -25.96
CA PRO C 78 0.61 14.73 -26.91
C PRO C 78 -0.79 14.63 -26.27
N LEU C 79 -0.88 14.01 -25.10
CA LEU C 79 -2.17 13.90 -24.40
C LEU C 79 -2.70 15.28 -24.00
N HIS C 80 -1.79 16.18 -23.63
CA HIS C 80 -2.18 17.57 -23.37
C HIS C 80 -2.85 18.17 -24.60
N ASN C 81 -2.26 17.97 -25.77
CA ASN C 81 -2.79 18.53 -27.02
C ASN C 81 -4.20 18.03 -27.29
N ALA C 82 -4.36 16.72 -27.15
CA ALA C 82 -5.64 16.08 -27.42
C ALA C 82 -6.71 16.60 -26.48
N CYS C 83 -6.35 16.74 -25.20
CA CYS C 83 -7.35 17.09 -24.18
C CYS C 83 -7.80 18.54 -24.28
N SER C 84 -6.87 19.42 -24.64
CA SER C 84 -7.13 20.84 -24.82
C SER C 84 -8.23 21.08 -25.84
N TYR C 85 -8.25 20.28 -26.90
CA TYR C 85 -9.14 20.54 -28.01
C TYR C 85 -10.27 19.52 -28.13
N GLY C 86 -10.47 18.73 -27.07
CA GLY C 86 -11.64 17.88 -26.94
C GLY C 86 -11.65 16.64 -27.80
N HIS C 87 -10.46 16.18 -28.19
CA HIS C 87 -10.37 15.04 -29.07
C HIS C 87 -10.37 13.75 -28.27
N TYR C 88 -11.57 13.21 -28.06
CA TYR C 88 -11.76 12.07 -27.17
C TYR C 88 -11.09 10.77 -27.64
N GLU C 89 -11.36 10.36 -28.88
CA GLU C 89 -10.75 9.14 -29.42
C GLU C 89 -9.20 9.21 -29.39
N VAL C 90 -8.63 10.34 -29.77
CA VAL C 90 -7.18 10.51 -29.70
C VAL C 90 -6.68 10.30 -28.26
N ALA C 91 -7.34 10.95 -27.30
CA ALA C 91 -6.92 10.84 -25.90
C ALA C 91 -7.01 9.39 -25.43
N GLU C 92 -8.06 8.68 -25.85
CA GLU C 92 -8.18 7.26 -25.51
C GLU C 92 -7.09 6.41 -26.17
N LEU C 93 -6.78 6.67 -27.45
CA LEU C 93 -5.69 5.96 -28.11
C LEU C 93 -4.34 6.16 -27.41
N LEU C 94 -4.05 7.39 -27.00
CA LEU C 94 -2.80 7.69 -26.32
C LEU C 94 -2.70 6.93 -25.01
N VAL C 95 -3.78 6.93 -24.25
CA VAL C 95 -3.80 6.24 -22.96
C VAL C 95 -3.64 4.72 -23.11
N LYS C 96 -4.28 4.13 -24.13
CA LYS C 96 -4.11 2.72 -24.39
C LYS C 96 -2.65 2.39 -24.75
N HIS C 97 -1.92 3.38 -25.24
CA HIS C 97 -0.51 3.19 -25.57
C HIS C 97 0.44 3.71 -24.49
N GLY C 98 -0.07 3.87 -23.28
CA GLY C 98 0.74 4.14 -22.10
C GLY C 98 0.82 5.60 -21.66
N ALA C 99 0.07 6.49 -22.31
CA ALA C 99 0.04 7.89 -21.88
C ALA C 99 -0.45 7.98 -20.44
N VAL C 100 0.23 8.81 -19.64
CA VAL C 100 -0.11 8.98 -18.23
C VAL C 100 -0.96 10.25 -18.03
N VAL C 101 -2.08 10.11 -17.34
CA VAL C 101 -3.05 11.20 -17.28
C VAL C 101 -2.68 12.31 -16.27
N ASN C 102 -1.69 12.05 -15.42
CA ASN C 102 -1.30 13.01 -14.38
C ASN C 102 0.02 13.71 -14.68
N VAL C 103 0.49 13.58 -15.92
CA VAL C 103 1.76 14.18 -16.31
C VAL C 103 1.72 15.70 -16.26
N ALA C 104 2.77 16.30 -15.72
CA ALA C 104 2.83 17.75 -15.54
C ALA C 104 3.75 18.39 -16.58
N ASP C 105 3.31 19.51 -17.16
CA ASP C 105 4.19 20.28 -18.01
C ASP C 105 5.07 21.21 -17.16
N LEU C 106 5.75 22.14 -17.81
CA LEU C 106 6.70 23.00 -17.09
C LEU C 106 6.02 23.96 -16.09
N TRP C 107 4.72 24.19 -16.28
CA TRP C 107 3.91 24.96 -15.33
C TRP C 107 3.11 24.06 -14.38
N LYS C 108 3.38 22.75 -14.46
CA LYS C 108 2.65 21.72 -13.73
C LYS C 108 1.15 21.61 -14.04
N PHE C 109 0.76 22.04 -15.24
CA PHE C 109 -0.57 21.72 -15.78
C PHE C 109 -0.57 20.28 -16.22
N THR C 110 -1.56 19.51 -15.76
CA THR C 110 -1.76 18.15 -16.22
C THR C 110 -2.79 18.17 -17.35
N PRO C 111 -2.99 17.03 -18.04
CA PRO C 111 -4.07 17.02 -19.04
C PRO C 111 -5.43 17.32 -18.42
N LEU C 112 -5.62 17.02 -17.14
CA LEU C 112 -6.89 17.34 -16.50
C LEU C 112 -7.03 18.84 -16.24
N HIS C 113 -5.94 19.52 -15.87
CA HIS C 113 -5.98 20.99 -15.84
C HIS C 113 -6.48 21.52 -17.18
N GLU C 114 -5.92 20.98 -18.25
CA GLU C 114 -6.22 21.46 -19.58
C GLU C 114 -7.69 21.19 -19.96
N ALA C 115 -8.14 19.95 -19.76
CA ALA C 115 -9.51 19.60 -20.11
C ALA C 115 -10.54 20.39 -19.30
N ALA C 116 -10.23 20.61 -18.03
CA ALA C 116 -11.13 21.34 -17.14
C ALA C 116 -11.21 22.81 -17.56
N ALA C 117 -10.05 23.41 -17.77
CA ALA C 117 -9.96 24.78 -18.24
C ALA C 117 -10.69 25.01 -19.56
N LYS C 118 -10.59 24.04 -20.47
CA LYS C 118 -11.19 24.17 -21.79
C LYS C 118 -12.65 23.72 -21.82
N GLY C 119 -13.18 23.31 -20.67
CA GLY C 119 -14.59 22.97 -20.56
C GLY C 119 -15.00 21.68 -21.27
N LYS C 120 -14.13 20.69 -21.25
CA LYS C 120 -14.37 19.40 -21.91
C LYS C 120 -14.82 18.33 -20.92
N TYR C 121 -16.13 18.19 -20.75
CA TYR C 121 -16.69 17.26 -19.79
C TYR C 121 -16.25 15.81 -20.01
N GLU C 122 -16.52 15.26 -21.19
CA GLU C 122 -16.22 13.85 -21.44
C GLU C 122 -14.71 13.55 -21.35
N ILE C 123 -13.87 14.50 -21.77
CA ILE C 123 -12.44 14.33 -21.57
C ILE C 123 -12.07 14.27 -20.08
N CYS C 124 -12.59 15.22 -19.29
CA CYS C 124 -12.39 15.17 -17.84
C CYS C 124 -12.83 13.82 -17.24
N LYS C 125 -13.98 13.30 -17.67
CA LYS C 125 -14.47 12.05 -17.13
C LYS C 125 -13.55 10.90 -17.50
N LEU C 126 -13.14 10.87 -18.77
CA LEU C 126 -12.16 9.87 -19.24
C LEU C 126 -10.88 9.91 -18.41
N LEU C 127 -10.33 11.11 -18.20
CA LEU C 127 -9.12 11.26 -17.42
C LEU C 127 -9.29 10.76 -15.98
N LEU C 128 -10.41 11.11 -15.36
CA LEU C 128 -10.73 10.64 -14.02
C LEU C 128 -10.91 9.12 -13.96
N GLN C 129 -11.50 8.55 -15.01
CA GLN C 129 -11.68 7.10 -15.09
C GLN C 129 -10.35 6.35 -15.15
N HIS C 130 -9.29 7.08 -15.51
CA HIS C 130 -7.97 6.49 -15.54
C HIS C 130 -7.10 6.99 -14.39
N GLY C 131 -7.74 7.61 -13.40
CA GLY C 131 -7.07 7.99 -12.18
C GLY C 131 -6.50 9.41 -12.11
N ALA C 132 -6.92 10.29 -13.00
CA ALA C 132 -6.42 11.67 -12.93
C ALA C 132 -6.83 12.32 -11.63
N ASP C 133 -5.95 13.15 -11.08
CA ASP C 133 -6.18 13.74 -9.77
C ASP C 133 -6.78 15.13 -9.92
N PRO C 134 -8.05 15.28 -9.50
CA PRO C 134 -8.74 16.56 -9.67
C PRO C 134 -8.26 17.60 -8.67
N THR C 135 -7.48 17.19 -7.68
CA THR C 135 -6.95 18.17 -6.72
C THR C 135 -5.42 18.35 -6.80
N LYS C 136 -4.85 17.96 -7.93
CA LYS C 136 -3.40 18.07 -8.11
C LYS C 136 -3.05 19.50 -8.49
N LYS C 137 -2.22 20.16 -7.69
CA LYS C 137 -1.92 21.57 -7.91
C LYS C 137 -0.87 21.83 -8.98
N ASN C 138 -1.06 22.87 -9.77
CA ASN C 138 -0.03 23.33 -10.70
C ASN C 138 0.86 24.33 -9.97
N ARG C 139 1.83 24.93 -10.67
CA ARG C 139 2.79 25.84 -10.02
C ARG C 139 2.14 27.11 -9.44
N ASP C 140 0.98 27.49 -9.96
CA ASP C 140 0.22 28.63 -9.41
C ASP C 140 -0.55 28.23 -8.15
N GLY C 141 -0.54 26.94 -7.83
CA GLY C 141 -1.30 26.45 -6.69
C GLY C 141 -2.74 26.11 -7.02
N ASN C 142 -3.07 26.09 -8.31
CA ASN C 142 -4.45 25.78 -8.71
C ASN C 142 -4.64 24.32 -9.08
N THR C 143 -5.78 23.74 -8.68
CA THR C 143 -6.14 22.39 -9.07
C THR C 143 -6.91 22.45 -10.39
N PRO C 144 -7.14 21.29 -11.05
CA PRO C 144 -7.99 21.38 -12.25
C PRO C 144 -9.40 21.87 -11.87
N LEU C 145 -9.89 21.46 -10.71
CA LEU C 145 -11.16 21.94 -10.20
C LEU C 145 -11.16 23.47 -10.11
N ASP C 146 -10.05 24.04 -9.63
CA ASP C 146 -9.93 25.50 -9.50
C ASP C 146 -10.09 26.20 -10.86
N LEU C 147 -9.75 25.50 -11.92
CA LEU C 147 -9.69 26.10 -13.26
C LEU C 147 -10.99 25.96 -14.05
N VAL C 148 -11.96 25.24 -13.51
CA VAL C 148 -13.24 25.08 -14.20
C VAL C 148 -13.96 26.41 -14.25
N LYS C 149 -14.55 26.73 -15.40
CA LYS C 149 -15.29 27.99 -15.56
C LYS C 149 -16.63 28.02 -14.80
N ASP C 150 -17.12 29.22 -14.52
CA ASP C 150 -18.33 29.40 -13.73
C ASP C 150 -19.58 28.78 -14.37
N GLY C 151 -19.61 28.76 -15.69
CA GLY C 151 -20.74 28.22 -16.42
C GLY C 151 -20.78 26.71 -16.44
N ASP C 152 -19.62 26.08 -16.34
CA ASP C 152 -19.53 24.62 -16.43
C ASP C 152 -19.77 23.96 -15.08
N THR C 153 -20.98 24.13 -14.56
CA THR C 153 -21.33 23.56 -13.26
C THR C 153 -21.28 22.03 -13.30
N ASP C 154 -21.56 21.46 -14.47
CA ASP C 154 -21.51 20.02 -14.62
C ASP C 154 -20.08 19.51 -14.42
N ILE C 155 -19.10 20.20 -14.98
CA ILE C 155 -17.70 19.84 -14.81
C ILE C 155 -17.25 20.02 -13.36
N GLN C 156 -17.72 21.09 -12.72
CA GLN C 156 -17.43 21.31 -11.30
C GLN C 156 -17.89 20.11 -10.48
N ASP C 157 -19.12 19.66 -10.73
CA ASP C 157 -19.72 18.54 -10.01
C ASP C 157 -18.95 17.24 -10.26
N LEU C 158 -18.60 17.03 -11.52
CA LEU C 158 -17.79 15.88 -11.92
C LEU C 158 -16.48 15.81 -11.11
N LEU C 159 -15.75 16.91 -11.04
CA LEU C 159 -14.41 16.86 -10.44
C LEU C 159 -14.44 16.68 -8.91
N ARG C 160 -15.54 17.07 -8.28
CA ARG C 160 -15.69 16.84 -6.84
C ARG C 160 -16.11 15.41 -6.54
N GLY D 1 42.84 -30.37 -0.41
CA GLY D 1 42.26 -30.28 -1.74
C GLY D 1 41.09 -29.31 -1.77
N ALA D 2 40.22 -29.48 -2.77
CA ALA D 2 39.06 -28.60 -2.93
C ALA D 2 38.21 -28.61 -1.69
N MET D 3 37.61 -27.47 -1.37
CA MET D 3 36.75 -27.37 -0.21
C MET D 3 35.65 -26.34 -0.40
N GLY D 4 34.48 -26.67 0.07
CA GLY D 4 33.35 -25.76 -0.06
C GLY D 4 32.10 -26.42 0.47
N ASN D 5 31.05 -25.62 0.62
CA ASN D 5 29.75 -26.16 1.00
C ASN D 5 29.28 -27.16 -0.06
N SER D 6 28.43 -28.11 0.36
CA SER D 6 27.78 -29.01 -0.56
C SER D 6 26.89 -28.21 -1.50
N GLU D 7 26.54 -28.81 -2.63
CA GLU D 7 25.62 -28.17 -3.56
C GLU D 7 24.28 -27.90 -2.85
N ALA D 8 23.80 -28.85 -2.05
CA ALA D 8 22.53 -28.65 -1.35
C ALA D 8 22.57 -27.47 -0.38
N ASP D 9 23.66 -27.35 0.38
CA ASP D 9 23.79 -26.24 1.32
C ASP D 9 23.97 -24.90 0.61
N ARG D 10 24.75 -24.89 -0.46
CA ARG D 10 24.90 -23.69 -1.27
C ARG D 10 23.55 -23.20 -1.79
N GLN D 11 22.73 -24.13 -2.28
CA GLN D 11 21.42 -23.77 -2.81
C GLN D 11 20.51 -23.21 -1.72
N LEU D 12 20.60 -23.78 -0.52
CA LEU D 12 19.78 -23.33 0.59
C LEU D 12 20.22 -21.93 1.02
N LEU D 13 21.53 -21.72 1.11
CA LEU D 13 22.06 -20.39 1.47
C LEU D 13 21.70 -19.33 0.43
N GLU D 14 21.85 -19.68 -0.85
CA GLU D 14 21.48 -18.74 -1.91
C GLU D 14 19.98 -18.46 -1.92
N ALA D 15 19.18 -19.49 -1.65
CA ALA D 15 17.72 -19.34 -1.60
C ALA D 15 17.30 -18.43 -0.45
N ALA D 16 17.98 -18.57 0.69
CA ALA D 16 17.69 -17.77 1.87
C ALA D 16 17.96 -16.29 1.59
N LYS D 17 19.12 -16.03 0.98
CA LYS D 17 19.53 -14.69 0.63
C LYS D 17 18.58 -14.05 -0.39
N ALA D 18 18.09 -14.88 -1.33
CA ALA D 18 17.24 -14.41 -2.42
C ALA D 18 15.77 -14.25 -2.02
N GLY D 19 15.39 -14.86 -0.90
CA GLY D 19 14.00 -14.94 -0.52
C GLY D 19 13.21 -16.00 -1.28
N ASP D 20 13.92 -17.01 -1.80
CA ASP D 20 13.27 -18.07 -2.59
C ASP D 20 12.76 -19.13 -1.62
N VAL D 21 11.59 -18.89 -1.06
CA VAL D 21 11.09 -19.76 -0.01
C VAL D 21 10.75 -21.17 -0.49
N GLU D 22 10.37 -21.31 -1.76
CA GLU D 22 10.04 -22.63 -2.27
C GLU D 22 11.27 -23.54 -2.32
N THR D 23 12.41 -22.97 -2.70
CA THR D 23 13.66 -23.73 -2.67
C THR D 23 14.08 -24.03 -1.24
N VAL D 24 13.89 -23.08 -0.33
CA VAL D 24 14.18 -23.32 1.08
C VAL D 24 13.38 -24.52 1.62
N LYS D 25 12.10 -24.59 1.28
CA LYS D 25 11.26 -25.71 1.74
C LYS D 25 11.80 -27.05 1.24
N LYS D 26 12.36 -27.03 0.03
CA LYS D 26 12.84 -28.27 -0.59
C LYS D 26 14.13 -28.78 0.02
N LEU D 27 14.78 -27.96 0.83
CA LEU D 27 16.13 -28.28 1.28
C LEU D 27 16.31 -28.28 2.79
N CYS D 28 15.45 -27.53 3.47
CA CYS D 28 15.57 -27.34 4.92
C CYS D 28 15.35 -28.65 5.68
N THR D 29 16.34 -29.09 6.46
CA THR D 29 16.19 -30.25 7.34
C THR D 29 16.93 -29.93 8.64
N VAL D 30 16.79 -30.78 9.65
CA VAL D 30 17.58 -30.57 10.87
C VAL D 30 19.10 -30.56 10.62
N GLN D 31 19.55 -31.27 9.58
CA GLN D 31 20.97 -31.28 9.25
C GLN D 31 21.43 -29.98 8.61
N SER D 32 20.61 -29.44 7.71
CA SER D 32 21.02 -28.32 6.87
C SER D 32 20.61 -26.94 7.39
N VAL D 33 19.64 -26.88 8.30
CA VAL D 33 19.01 -25.59 8.59
C VAL D 33 19.98 -24.53 9.15
N ASN D 34 20.96 -24.97 9.93
CA ASN D 34 21.98 -24.08 10.45
C ASN D 34 23.36 -24.26 9.83
N CYS D 35 23.39 -24.69 8.58
CA CYS D 35 24.65 -24.75 7.82
C CYS D 35 25.27 -23.36 7.73
N ARG D 36 26.55 -23.30 7.38
CA ARG D 36 27.29 -22.06 7.45
C ARG D 36 28.01 -21.81 6.14
N ASP D 37 27.83 -20.61 5.60
CA ASP D 37 28.50 -20.21 4.37
C ASP D 37 29.98 -20.00 4.66
N ILE D 38 30.83 -20.84 4.08
CA ILE D 38 32.27 -20.66 4.23
C ILE D 38 32.71 -19.36 3.54
N GLU D 39 31.88 -18.89 2.62
CA GLU D 39 32.19 -17.67 1.87
C GLU D 39 31.40 -16.49 2.39
N GLY D 40 30.67 -16.65 3.48
CA GLY D 40 29.84 -15.54 3.95
C GLY D 40 29.86 -15.30 5.44
N ARG D 41 31.06 -15.12 6.00
CA ARG D 41 31.25 -14.88 7.43
C ARG D 41 30.66 -16.03 8.24
N GLN D 42 30.65 -17.23 7.67
CA GLN D 42 30.03 -18.39 8.29
C GLN D 42 28.57 -18.14 8.66
N SER D 43 27.87 -17.32 7.86
CA SER D 43 26.46 -17.02 8.10
C SER D 43 25.55 -18.21 7.82
N THR D 44 24.50 -18.33 8.62
CA THR D 44 23.50 -19.39 8.44
C THR D 44 22.41 -18.88 7.50
N PRO D 45 21.56 -19.79 7.00
CA PRO D 45 20.42 -19.33 6.21
C PRO D 45 19.61 -18.23 6.91
N LEU D 46 19.43 -18.35 8.22
CA LEU D 46 18.71 -17.33 8.99
C LEU D 46 19.42 -15.99 9.01
N HIS D 47 20.76 -15.95 9.14
CA HIS D 47 21.50 -14.67 9.03
C HIS D 47 21.22 -14.01 7.67
N PHE D 48 21.27 -14.80 6.60
CA PHE D 48 21.06 -14.26 5.25
C PHE D 48 19.63 -13.76 5.07
N ALA D 49 18.64 -14.58 5.44
CA ALA D 49 17.26 -14.16 5.29
C ALA D 49 16.96 -12.92 6.14
N ALA D 50 17.52 -12.86 7.35
CA ALA D 50 17.32 -11.70 8.22
C ALA D 50 17.96 -10.44 7.66
N GLY D 51 19.18 -10.58 7.16
CA GLY D 51 19.95 -9.45 6.66
C GLY D 51 19.39 -8.87 5.38
N TYR D 52 18.78 -9.74 4.57
CA TYR D 52 18.23 -9.33 3.28
C TYR D 52 16.70 -9.16 3.28
N ASN D 53 16.11 -9.14 4.47
CA ASN D 53 14.69 -8.83 4.64
C ASN D 53 13.77 -9.80 3.90
N ARG D 54 14.05 -11.09 4.06
CA ARG D 54 13.28 -12.12 3.38
C ARG D 54 12.34 -12.73 4.41
N VAL D 55 11.21 -12.08 4.60
CA VAL D 55 10.29 -12.43 5.68
C VAL D 55 9.74 -13.85 5.60
N SER D 56 9.26 -14.25 4.43
CA SER D 56 8.67 -15.57 4.33
C SER D 56 9.72 -16.66 4.61
N VAL D 57 10.97 -16.41 4.23
CA VAL D 57 12.04 -17.36 4.53
C VAL D 57 12.40 -17.35 6.02
N VAL D 58 12.48 -16.17 6.61
CA VAL D 58 12.71 -16.07 8.06
C VAL D 58 11.64 -16.85 8.82
N GLU D 59 10.37 -16.63 8.49
CA GLU D 59 9.31 -17.32 9.21
C GLU D 59 9.43 -18.83 9.02
N TYR D 60 9.70 -19.25 7.79
CA TYR D 60 9.75 -20.69 7.54
C TYR D 60 10.89 -21.34 8.33
N LEU D 61 12.07 -20.73 8.24
CA LEU D 61 13.25 -21.21 8.97
C LEU D 61 12.97 -21.29 10.47
N LEU D 62 12.34 -20.26 11.02
CA LEU D 62 12.05 -20.24 12.45
C LEU D 62 11.10 -21.37 12.85
N GLN D 63 10.23 -21.77 11.93
CA GLN D 63 9.26 -22.81 12.21
C GLN D 63 9.81 -24.19 11.90
N HIS D 64 11.04 -24.23 11.39
CA HIS D 64 11.66 -25.49 11.02
C HIS D 64 13.08 -25.64 11.54
N GLY D 65 13.32 -25.15 12.76
CA GLY D 65 14.53 -25.47 13.48
C GLY D 65 15.73 -24.55 13.37
N ALA D 66 15.57 -23.40 12.72
CA ALA D 66 16.67 -22.43 12.65
C ALA D 66 17.00 -21.89 14.04
N ASP D 67 18.29 -21.77 14.33
CA ASP D 67 18.75 -21.34 15.64
C ASP D 67 18.87 -19.81 15.72
N VAL D 68 17.98 -19.16 16.49
CA VAL D 68 18.08 -17.71 16.71
C VAL D 68 19.36 -17.32 17.46
N HIS D 69 20.01 -18.30 18.08
CA HIS D 69 21.22 -18.03 18.85
C HIS D 69 22.50 -18.29 18.03
N ALA D 70 22.33 -18.70 16.77
CA ALA D 70 23.49 -19.08 15.97
C ALA D 70 24.34 -17.87 15.69
N LYS D 71 25.66 -18.01 15.90
CA LYS D 71 26.55 -16.88 15.74
C LYS D 71 27.40 -17.04 14.49
N ASP D 72 27.61 -15.96 13.76
CA ASP D 72 28.51 -16.02 12.61
C ASP D 72 29.96 -15.92 13.09
N LYS D 73 30.87 -15.76 12.14
CA LYS D 73 32.30 -15.69 12.44
C LYS D 73 32.67 -14.56 13.41
N GLY D 74 31.87 -13.51 13.41
CA GLY D 74 32.15 -12.33 14.22
C GLY D 74 31.36 -12.35 15.51
N GLY D 75 30.61 -13.43 15.73
CA GLY D 75 29.76 -13.55 16.90
C GLY D 75 28.40 -12.89 16.76
N LEU D 76 28.05 -12.52 15.53
CA LEU D 76 26.77 -11.89 15.29
C LEU D 76 25.68 -12.95 15.20
N VAL D 77 24.52 -12.67 15.81
CA VAL D 77 23.33 -13.51 15.65
C VAL D 77 22.43 -12.86 14.59
N PRO D 78 21.43 -13.61 14.06
CA PRO D 78 20.62 -13.00 12.99
C PRO D 78 19.94 -11.68 13.38
N LEU D 79 19.65 -11.50 14.68
CA LEU D 79 19.04 -10.22 15.10
C LEU D 79 19.99 -9.03 14.85
N HIS D 80 21.30 -9.25 14.93
CA HIS D 80 22.26 -8.21 14.54
C HIS D 80 22.05 -7.79 13.09
N ASN D 81 21.97 -8.76 12.18
CA ASN D 81 21.74 -8.46 10.76
C ASN D 81 20.44 -7.71 10.51
N ALA D 82 19.34 -8.17 11.10
CA ALA D 82 18.05 -7.52 10.93
C ALA D 82 18.14 -6.07 11.41
N CYS D 83 18.73 -5.87 12.59
CA CYS D 83 18.79 -4.54 13.20
C CYS D 83 19.73 -3.57 12.48
N SER D 84 20.86 -4.07 11.99
CA SER D 84 21.80 -3.26 11.21
C SER D 84 21.15 -2.65 9.97
N TYR D 85 20.19 -3.36 9.41
CA TYR D 85 19.65 -2.98 8.11
C TYR D 85 18.21 -2.51 8.18
N GLY D 86 17.71 -2.33 9.41
CA GLY D 86 16.42 -1.70 9.65
C GLY D 86 15.19 -2.55 9.39
N HIS D 87 15.33 -3.87 9.51
CA HIS D 87 14.26 -4.78 9.07
C HIS D 87 13.35 -5.10 10.26
N TYR D 88 12.28 -4.33 10.38
CA TYR D 88 11.44 -4.35 11.59
C TYR D 88 10.69 -5.66 11.75
N GLU D 89 9.99 -6.08 10.70
CA GLU D 89 9.22 -7.31 10.78
C GLU D 89 10.12 -8.51 11.08
N VAL D 90 11.28 -8.55 10.43
CA VAL D 90 12.23 -9.65 10.70
C VAL D 90 12.69 -9.66 12.17
N ALA D 91 13.02 -8.47 12.69
CA ALA D 91 13.44 -8.35 14.08
C ALA D 91 12.36 -8.84 15.04
N GLU D 92 11.11 -8.44 14.78
CA GLU D 92 9.99 -8.87 15.59
C GLU D 92 9.82 -10.38 15.54
N LEU D 93 9.92 -10.94 14.34
CA LEU D 93 9.83 -12.40 14.18
C LEU D 93 10.92 -13.11 14.98
N LEU D 94 12.14 -12.59 14.93
CA LEU D 94 13.26 -13.19 15.67
C LEU D 94 12.97 -13.16 17.18
N VAL D 95 12.55 -12.01 17.68
CA VAL D 95 12.23 -11.85 19.09
C VAL D 95 11.08 -12.75 19.53
N LYS D 96 10.04 -12.85 18.70
CA LYS D 96 8.90 -13.72 19.00
C LYS D 96 9.35 -15.17 19.17
N HIS D 97 10.40 -15.54 18.45
CA HIS D 97 10.93 -16.88 18.50
C HIS D 97 12.09 -17.05 19.48
N GLY D 98 12.19 -16.13 20.44
CA GLY D 98 13.12 -16.30 21.54
C GLY D 98 14.49 -15.66 21.37
N ALA D 99 14.65 -14.80 20.37
CA ALA D 99 15.91 -14.09 20.21
C ALA D 99 16.19 -13.21 21.43
N VAL D 100 17.44 -13.22 21.89
CA VAL D 100 17.86 -12.46 23.07
C VAL D 100 18.28 -11.05 22.63
N VAL D 101 17.59 -10.03 23.11
CA VAL D 101 17.83 -8.69 22.57
C VAL D 101 19.16 -8.08 23.02
N ASN D 102 19.67 -8.51 24.17
CA ASN D 102 20.93 -7.97 24.66
C ASN D 102 22.15 -8.81 24.34
N VAL D 103 22.01 -9.76 23.43
CA VAL D 103 23.12 -10.62 23.02
C VAL D 103 24.26 -9.77 22.46
N ALA D 104 25.49 -10.20 22.67
CA ALA D 104 26.65 -9.40 22.27
C ALA D 104 27.60 -10.22 21.42
N ASP D 105 28.23 -9.57 20.44
CA ASP D 105 29.19 -10.25 19.56
C ASP D 105 30.59 -10.22 20.14
N LEU D 106 31.57 -10.61 19.32
CA LEU D 106 32.96 -10.69 19.78
C LEU D 106 33.52 -9.34 20.26
N TRP D 107 32.95 -8.24 19.76
CA TRP D 107 33.36 -6.89 20.13
C TRP D 107 32.41 -6.33 21.19
N LYS D 108 31.53 -7.20 21.68
CA LYS D 108 30.45 -6.82 22.59
C LYS D 108 29.48 -5.77 22.03
N PHE D 109 29.35 -5.69 20.71
CA PHE D 109 28.24 -4.95 20.12
C PHE D 109 26.93 -5.73 20.30
N THR D 110 25.89 -5.05 20.78
CA THR D 110 24.56 -5.63 20.86
C THR D 110 23.78 -5.23 19.61
N PRO D 111 22.59 -5.82 19.40
CA PRO D 111 21.75 -5.33 18.31
C PRO D 111 21.39 -3.85 18.45
N LEU D 112 21.24 -3.36 19.68
CA LEU D 112 21.02 -1.92 19.88
C LEU D 112 22.23 -1.08 19.49
N HIS D 113 23.44 -1.55 19.76
CA HIS D 113 24.64 -0.87 19.27
C HIS D 113 24.54 -0.71 17.76
N GLU D 114 24.19 -1.81 17.12
CA GLU D 114 24.15 -1.86 15.67
C GLU D 114 23.07 -0.90 15.15
N ALA D 115 21.87 -0.99 15.73
CA ALA D 115 20.78 -0.14 15.25
C ALA D 115 21.09 1.34 15.47
N ALA D 116 21.68 1.67 16.62
CA ALA D 116 21.99 3.07 16.93
C ALA D 116 23.04 3.62 15.97
N ALA D 117 24.09 2.83 15.74
CA ALA D 117 25.21 3.27 14.90
C ALA D 117 24.77 3.47 13.46
N LYS D 118 23.80 2.68 13.04
CA LYS D 118 23.30 2.70 11.66
C LYS D 118 22.13 3.68 11.49
N GLY D 119 21.71 4.31 12.58
CA GLY D 119 20.65 5.31 12.50
C GLY D 119 19.25 4.76 12.25
N LYS D 120 18.98 3.55 12.75
CA LYS D 120 17.71 2.89 12.50
C LYS D 120 16.73 3.16 13.64
N TYR D 121 15.98 4.24 13.53
CA TYR D 121 15.14 4.69 14.64
C TYR D 121 14.06 3.68 15.06
N GLU D 122 13.27 3.16 14.11
CA GLU D 122 12.22 2.20 14.46
C GLU D 122 12.78 0.95 15.11
N ILE D 123 13.95 0.50 14.65
CA ILE D 123 14.58 -0.66 15.28
C ILE D 123 15.00 -0.36 16.72
N CYS D 124 15.63 0.79 16.95
CA CYS D 124 16.00 1.18 18.31
C CYS D 124 14.78 1.19 19.22
N LYS D 125 13.67 1.77 18.75
CA LYS D 125 12.44 1.82 19.55
C LYS D 125 11.92 0.43 19.83
N LEU D 126 11.87 -0.40 18.80
CA LEU D 126 11.43 -1.78 18.93
C LEU D 126 12.27 -2.54 19.96
N LEU D 127 13.59 -2.42 19.85
CA LEU D 127 14.48 -3.11 20.78
C LEU D 127 14.25 -2.63 22.21
N LEU D 128 14.14 -1.32 22.38
CA LEU D 128 13.90 -0.77 23.70
C LEU D 128 12.57 -1.27 24.26
N GLN D 129 11.55 -1.37 23.42
CA GLN D 129 10.23 -1.85 23.85
C GLN D 129 10.31 -3.32 24.29
N HIS D 130 11.27 -4.04 23.74
CA HIS D 130 11.50 -5.43 24.13
C HIS D 130 12.56 -5.58 25.21
N GLY D 131 12.95 -4.48 25.85
CA GLY D 131 13.84 -4.56 27.00
C GLY D 131 15.33 -4.48 26.71
N ALA D 132 15.69 -4.01 25.53
CA ALA D 132 17.10 -3.81 25.20
C ALA D 132 17.71 -2.75 26.11
N ASP D 133 18.98 -2.94 26.45
CA ASP D 133 19.66 -2.08 27.44
C ASP D 133 20.56 -1.08 26.72
N PRO D 134 20.17 0.20 26.75
CA PRO D 134 20.91 1.28 26.07
C PRO D 134 22.14 1.75 26.84
N THR D 135 22.46 1.10 27.96
CA THR D 135 23.64 1.45 28.74
C THR D 135 24.77 0.41 28.63
N LYS D 136 24.51 -0.67 27.91
CA LYS D 136 25.47 -1.76 27.78
C LYS D 136 26.72 -1.34 26.99
N LYS D 137 27.89 -1.44 27.61
CA LYS D 137 29.13 -1.02 26.96
C LYS D 137 29.72 -2.13 26.08
N ASN D 138 30.20 -1.78 24.90
CA ASN D 138 31.01 -2.72 24.11
C ASN D 138 32.45 -2.76 24.62
N ARG D 139 33.30 -3.54 23.97
CA ARG D 139 34.69 -3.70 24.44
C ARG D 139 35.49 -2.39 24.33
N ASP D 140 35.00 -1.45 23.52
CA ASP D 140 35.61 -0.13 23.44
C ASP D 140 35.15 0.78 24.57
N GLY D 141 34.17 0.31 25.36
CA GLY D 141 33.62 1.11 26.45
C GLY D 141 32.46 2.00 26.02
N ASN D 142 31.96 1.79 24.81
CA ASN D 142 30.87 2.59 24.25
C ASN D 142 29.49 1.94 24.44
N THR D 143 28.53 2.75 24.88
CA THR D 143 27.13 2.30 24.93
C THR D 143 26.51 2.52 23.56
N PRO D 144 25.30 1.97 23.33
CA PRO D 144 24.66 2.29 22.05
C PRO D 144 24.46 3.80 21.84
N LEU D 145 24.16 4.51 22.93
CA LEU D 145 24.03 5.96 22.88
C LEU D 145 25.31 6.61 22.37
N ASP D 146 26.45 6.15 22.88
CA ASP D 146 27.77 6.65 22.46
C ASP D 146 27.99 6.57 20.95
N LEU D 147 27.41 5.55 20.32
CA LEU D 147 27.62 5.31 18.89
C LEU D 147 26.65 6.05 17.95
N VAL D 148 25.63 6.70 18.50
CA VAL D 148 24.67 7.43 17.67
C VAL D 148 25.38 8.55 16.90
N LYS D 149 25.06 8.71 15.61
CA LYS D 149 25.64 9.78 14.81
C LYS D 149 25.26 11.14 15.37
N ASP D 150 26.14 12.13 15.18
CA ASP D 150 25.95 13.46 15.75
C ASP D 150 24.62 14.10 15.35
N GLY D 151 24.23 13.90 14.09
CA GLY D 151 23.00 14.50 13.60
C GLY D 151 21.72 13.76 13.98
N ASP D 152 21.85 12.57 14.58
CA ASP D 152 20.67 11.77 14.92
C ASP D 152 20.14 12.04 16.33
N THR D 153 19.68 13.26 16.56
CA THR D 153 19.28 13.67 17.89
C THR D 153 18.01 12.97 18.37
N ASP D 154 17.15 12.59 17.42
CA ASP D 154 15.95 11.86 17.80
C ASP D 154 16.32 10.50 18.38
N ILE D 155 17.28 9.82 17.76
CA ILE D 155 17.77 8.56 18.31
C ILE D 155 18.45 8.78 19.66
N GLN D 156 19.24 9.85 19.78
CA GLN D 156 19.86 10.19 21.07
C GLN D 156 18.78 10.32 22.16
N ASP D 157 17.71 11.04 21.84
CA ASP D 157 16.63 11.28 22.79
C ASP D 157 15.89 10.01 23.15
N LEU D 158 15.66 9.17 22.15
CA LEU D 158 14.96 7.90 22.34
C LEU D 158 15.71 7.02 23.33
N LEU D 159 17.03 6.95 23.16
CA LEU D 159 17.83 6.07 23.99
C LEU D 159 17.94 6.58 25.44
N ARG D 160 17.94 7.89 25.63
CA ARG D 160 18.00 8.45 26.99
C ARG D 160 16.69 8.25 27.75
N GLN E 5 -18.12 6.66 4.90
CA GLN E 5 -17.26 5.91 5.80
C GLN E 5 -16.03 5.37 5.07
N ARG E 6 -14.85 5.69 5.58
CA ARG E 6 -13.62 5.41 4.85
C ARG E 6 -13.08 4.00 5.13
N PRO E 7 -12.97 3.17 4.08
CA PRO E 7 -12.45 1.83 4.31
C PRO E 7 -10.93 1.86 4.52
N PRO E 8 -10.37 0.78 5.06
CA PRO E 8 -8.92 0.77 5.18
C PRO E 8 -8.29 0.65 3.80
N PRO E 9 -7.15 1.31 3.59
CA PRO E 9 -6.43 1.24 2.32
C PRO E 9 -6.05 -0.20 1.99
N ILE E 10 -5.89 -0.48 0.71
CA ILE E 10 -5.40 -1.74 0.18
C ILE E 10 -3.98 -1.98 0.70
N GLY E 11 -3.72 -3.18 1.21
CA GLY E 11 -2.43 -3.52 1.75
C GLY E 11 -2.48 -4.14 3.12
N GLN E 12 -1.29 -4.40 3.68
CA GLN E 12 -1.15 -4.82 5.07
C GLN E 12 0.28 -4.54 5.51
N SER E 13 0.50 -4.48 6.82
CA SER E 13 1.79 -4.09 7.39
C SER E 13 2.84 -5.19 7.35
N PHE E 14 2.43 -6.41 7.69
CA PHE E 14 3.38 -7.51 7.81
C PHE E 14 3.25 -8.47 6.64
N ARG E 15 4.38 -8.81 6.01
CA ARG E 15 4.38 -9.77 4.92
C ARG E 15 4.02 -11.18 5.39
N LEU F 4 -8.13 4.11 13.92
CA LEU F 4 -8.44 3.73 12.55
C LEU F 4 -9.83 4.23 12.18
N GLN F 5 -10.57 4.71 13.18
CA GLN F 5 -11.99 5.02 13.02
C GLN F 5 -12.71 3.83 12.39
N ARG F 6 -12.33 2.64 12.83
CA ARG F 6 -13.04 1.42 12.51
C ARG F 6 -14.24 1.40 13.42
N PRO F 7 -15.45 1.54 12.86
CA PRO F 7 -16.62 1.55 13.75
C PRO F 7 -16.79 0.25 14.54
N PRO F 8 -17.10 0.37 15.83
CA PRO F 8 -17.32 -0.82 16.66
C PRO F 8 -18.56 -1.56 16.17
N PRO F 9 -18.58 -2.89 16.35
CA PRO F 9 -19.74 -3.73 16.02
C PRO F 9 -21.00 -3.21 16.70
N ILE F 10 -22.14 -3.38 16.03
CA ILE F 10 -23.46 -3.14 16.61
C ILE F 10 -23.69 -4.07 17.79
N GLY F 11 -24.18 -3.52 18.91
CA GLY F 11 -24.50 -4.31 20.08
C GLY F 11 -24.00 -3.70 21.39
N GLN F 12 -24.11 -4.45 22.48
CA GLN F 12 -23.61 -4.00 23.77
C GLN F 12 -23.41 -5.20 24.68
N SER F 13 -22.54 -5.05 25.67
CA SER F 13 -22.15 -6.16 26.53
C SER F 13 -23.25 -6.58 27.51
N PHE F 14 -23.98 -5.61 28.04
CA PHE F 14 -24.94 -5.88 29.10
C PHE F 14 -26.39 -5.54 28.70
N ARG F 15 -27.29 -6.48 28.97
CA ARG F 15 -28.72 -6.31 28.69
C ARG F 15 -29.34 -5.24 29.57
N LEU G 1 12.63 29.72 -10.26
CA LEU G 1 12.20 29.45 -11.62
C LEU G 1 11.76 30.74 -12.32
N PRO G 2 12.01 30.84 -13.63
CA PRO G 2 11.52 31.97 -14.41
C PRO G 2 10.00 31.93 -14.52
N HIS G 3 9.36 33.10 -14.49
CA HIS G 3 7.91 33.18 -14.65
C HIS G 3 7.56 33.60 -16.07
N LEU G 4 6.97 32.69 -16.85
CA LEU G 4 6.58 32.98 -18.23
C LEU G 4 5.12 32.59 -18.50
N GLN G 5 4.50 33.25 -19.47
CA GLN G 5 3.12 32.95 -19.83
C GLN G 5 3.02 31.63 -20.58
N ARG G 6 2.01 30.83 -20.25
CA ARG G 6 1.84 29.53 -20.86
C ARG G 6 1.05 29.65 -22.16
N PRO G 7 1.69 29.34 -23.30
CA PRO G 7 1.01 29.42 -24.60
C PRO G 7 0.06 28.25 -24.82
N PRO G 8 -0.93 28.42 -25.71
CA PRO G 8 -1.86 27.34 -26.01
C PRO G 8 -1.13 26.15 -26.61
N PRO G 9 -1.58 24.93 -26.28
CA PRO G 9 -1.11 23.71 -26.91
C PRO G 9 -1.32 23.78 -28.43
N ILE G 10 -0.42 23.17 -29.19
CA ILE G 10 -0.54 23.06 -30.64
C ILE G 10 -1.75 22.19 -31.00
N GLY G 11 -2.55 22.64 -31.96
CA GLY G 11 -3.78 21.92 -32.32
C GLY G 11 -4.96 22.85 -32.54
N GLN G 12 -6.14 22.27 -32.75
CA GLN G 12 -7.38 23.03 -32.85
C GLN G 12 -8.59 22.14 -32.60
N SER G 13 -9.69 22.76 -32.19
CA SER G 13 -10.87 22.02 -31.82
C SER G 13 -11.57 21.40 -33.01
N PHE G 14 -11.63 22.13 -34.11
CA PHE G 14 -12.42 21.71 -35.26
C PHE G 14 -11.57 21.45 -36.50
N ARG G 15 -11.81 20.32 -37.14
CA ARG G 15 -11.12 19.96 -38.37
C ARG G 15 -11.55 20.85 -39.52
N PRO H 2 43.88 -8.72 21.69
CA PRO H 2 43.74 -9.00 20.25
C PRO H 2 42.79 -8.02 19.58
N HIS H 3 43.35 -7.06 18.84
CA HIS H 3 42.52 -6.00 18.24
C HIS H 3 42.27 -6.25 16.77
N LEU H 4 41.02 -6.14 16.36
CA LEU H 4 40.62 -6.39 14.97
C LEU H 4 39.50 -5.46 14.52
N GLN H 5 39.57 -5.01 13.27
CA GLN H 5 38.49 -4.23 12.68
C GLN H 5 37.22 -5.08 12.66
N ARG H 6 36.06 -4.48 12.93
CA ARG H 6 34.81 -5.23 12.99
C ARG H 6 34.02 -5.17 11.68
N PRO H 7 33.98 -6.29 10.93
CA PRO H 7 33.23 -6.30 9.68
C PRO H 7 31.71 -6.19 9.92
N PRO H 8 31.02 -5.41 9.09
CA PRO H 8 29.56 -5.25 9.14
C PRO H 8 28.83 -6.56 8.91
N PRO H 9 27.61 -6.68 9.44
CA PRO H 9 26.78 -7.88 9.24
C PRO H 9 26.49 -8.07 7.77
N ILE H 10 26.19 -9.30 7.36
CA ILE H 10 25.73 -9.57 6.01
C ILE H 10 24.30 -9.05 5.85
N GLY H 11 24.00 -8.44 4.71
CA GLY H 11 22.68 -7.90 4.44
C GLY H 11 22.75 -6.53 3.78
N GLN H 12 21.59 -5.90 3.61
CA GLN H 12 21.52 -4.55 3.07
C GLN H 12 20.19 -3.92 3.49
N SER H 13 20.13 -2.60 3.52
CA SER H 13 18.96 -1.90 4.06
C SER H 13 17.76 -1.93 3.13
N PHE H 14 18.01 -1.86 1.83
CA PHE H 14 16.93 -1.76 0.86
C PHE H 14 16.91 -2.92 -0.13
N ARG H 15 15.72 -3.43 -0.41
CA ARG H 15 15.59 -4.52 -1.36
C ARG H 15 15.77 -4.03 -2.79
#